data_2MMO
#
_entry.id   2MMO
#
_entity_poly.entity_id   1
_entity_poly.type   'polypeptide(L)'
_entity_poly.pdbx_seq_one_letter_code
;SVKIVTSQSEFDSIISQNELVIVDFFAEWCGPCKRIAPFYEECSKTYTKMVFIKVDVDEVSEVTEKENITSMPTFKVYKN
GSSVDTLLGANDSALKQLIEKYAA
;
_entity_poly.pdbx_strand_id   A
#
# COMPACT_ATOMS: atom_id res chain seq x y z
N SER A 1 -0.43 -12.14 -3.83
CA SER A 1 0.42 -12.25 -2.63
C SER A 1 1.01 -10.90 -2.24
N VAL A 2 0.40 -10.24 -1.27
CA VAL A 2 0.90 -8.96 -0.81
C VAL A 2 2.29 -9.12 -0.21
N LYS A 3 3.16 -8.16 -0.45
CA LYS A 3 4.54 -8.23 0.03
C LYS A 3 4.72 -7.46 1.32
N ILE A 4 5.51 -8.05 2.21
CA ILE A 4 5.80 -7.42 3.50
C ILE A 4 7.27 -7.03 3.56
N VAL A 5 7.53 -5.72 3.56
CA VAL A 5 8.88 -5.21 3.62
C VAL A 5 9.16 -4.56 4.98
N THR A 6 10.20 -5.03 5.66
CA THR A 6 10.53 -4.52 6.99
C THR A 6 11.70 -3.53 6.97
N SER A 7 12.21 -3.20 5.80
CA SER A 7 13.32 -2.24 5.70
C SER A 7 12.85 -0.94 5.09
N GLN A 8 13.54 0.15 5.44
CA GLN A 8 13.19 1.47 4.93
C GLN A 8 13.57 1.62 3.46
N SER A 9 14.80 1.27 3.12
CA SER A 9 15.28 1.36 1.75
C SER A 9 14.55 0.35 0.86
N GLU A 10 14.26 -0.82 1.43
CA GLU A 10 13.56 -1.86 0.70
C GLU A 10 12.18 -1.35 0.29
N PHE A 11 11.56 -0.56 1.17
CA PHE A 11 10.24 0.01 0.89
C PHE A 11 10.38 1.02 -0.24
N ASP A 12 11.31 1.92 -0.08
CA ASP A 12 11.57 2.95 -1.08
C ASP A 12 12.04 2.32 -2.39
N SER A 13 12.73 1.20 -2.26
CA SER A 13 13.26 0.49 -3.41
C SER A 13 12.13 -0.03 -4.28
N ILE A 14 11.12 -0.60 -3.63
CA ILE A 14 9.98 -1.12 -4.36
C ILE A 14 9.26 -0.02 -5.13
N ILE A 15 9.21 1.13 -4.52
CA ILE A 15 8.55 2.30 -5.10
C ILE A 15 9.22 2.75 -6.41
N SER A 16 10.54 2.74 -6.42
CA SER A 16 11.33 3.20 -7.58
C SER A 16 11.59 2.13 -8.66
N GLN A 17 11.56 0.85 -8.27
CA GLN A 17 11.86 -0.24 -9.21
C GLN A 17 10.65 -0.68 -10.03
N ASN A 18 9.60 0.12 -10.02
CA ASN A 18 8.39 -0.22 -10.75
C ASN A 18 7.63 1.04 -11.20
N GLU A 19 6.90 0.92 -12.29
CA GLU A 19 6.13 2.04 -12.81
C GLU A 19 4.97 2.37 -11.89
N LEU A 20 4.24 1.35 -11.44
CA LEU A 20 3.12 1.57 -10.55
C LEU A 20 3.26 0.70 -9.32
N VAL A 21 3.14 1.30 -8.14
CA VAL A 21 3.25 0.54 -6.91
C VAL A 21 2.21 0.93 -5.90
N ILE A 22 1.47 -0.06 -5.41
CA ILE A 22 0.47 0.21 -4.39
C ILE A 22 0.92 -0.43 -3.09
N VAL A 23 0.99 0.40 -2.06
CA VAL A 23 1.43 -0.04 -0.76
C VAL A 23 0.48 0.45 0.31
N ASP A 24 0.16 -0.43 1.23
CA ASP A 24 -0.73 -0.07 2.31
C ASP A 24 0.03 0.20 3.58
N PHE A 25 0.06 1.45 3.99
CA PHE A 25 0.69 1.80 5.24
C PHE A 25 -0.39 1.54 6.26
N PHE A 26 -0.16 0.53 7.10
CA PHE A 26 -1.17 0.09 8.03
C PHE A 26 -0.52 -0.16 9.49
N ALA A 27 -1.24 -0.63 10.63
CA ALA A 27 -0.56 -0.87 11.89
C ALA A 27 -1.21 -2.13 12.57
N GLU A 28 -0.36 -2.93 13.20
CA GLU A 28 -0.69 -4.27 13.86
C GLU A 28 -1.92 -4.46 14.98
N TRP A 29 -2.77 -3.45 15.54
CA TRP A 29 -3.74 -3.74 16.68
C TRP A 29 -5.24 -3.50 16.16
N CYS A 30 -5.57 -3.28 14.77
CA CYS A 30 -6.96 -3.00 14.40
C CYS A 30 -7.56 -4.16 13.62
N GLY A 31 -8.88 -4.32 13.74
CA GLY A 31 -9.57 -5.37 13.02
C GLY A 31 -9.60 -5.14 11.52
N PRO A 32 -9.98 -3.91 11.06
CA PRO A 32 -10.02 -3.57 9.63
C PRO A 32 -8.67 -3.70 8.96
N CYS A 33 -7.63 -3.23 9.64
CA CYS A 33 -6.30 -3.28 9.09
C CYS A 33 -5.99 -4.69 8.57
N LYS A 34 -6.17 -5.70 9.40
CA LYS A 34 -5.97 -7.09 8.97
C LYS A 34 -7.06 -7.51 7.97
N ARG A 35 -8.26 -7.00 8.21
CA ARG A 35 -9.45 -7.30 7.42
C ARG A 35 -9.36 -6.83 5.97
N ILE A 36 -8.57 -5.80 5.72
CA ILE A 36 -8.46 -5.26 4.38
C ILE A 36 -7.45 -6.06 3.54
N ALA A 37 -6.63 -6.88 4.22
CA ALA A 37 -5.63 -7.70 3.54
C ALA A 37 -6.27 -8.76 2.63
N PRO A 38 -7.26 -9.51 3.15
CA PRO A 38 -7.94 -10.56 2.38
C PRO A 38 -8.46 -10.07 1.03
N PHE A 39 -9.07 -8.88 1.01
CA PHE A 39 -9.56 -8.32 -0.23
C PHE A 39 -8.40 -7.81 -1.04
N TYR A 40 -7.41 -7.30 -0.34
CA TYR A 40 -6.19 -6.80 -0.96
C TYR A 40 -5.52 -7.92 -1.70
N GLU A 41 -5.62 -9.13 -1.14
CA GLU A 41 -5.02 -10.32 -1.74
C GLU A 41 -5.71 -10.63 -3.08
N GLU A 42 -7.02 -10.49 -3.11
CA GLU A 42 -7.79 -10.75 -4.33
C GLU A 42 -7.37 -9.76 -5.42
N CYS A 43 -7.25 -8.50 -5.01
CA CYS A 43 -6.86 -7.41 -5.89
C CYS A 43 -5.45 -7.64 -6.45
N SER A 44 -4.58 -8.24 -5.64
CA SER A 44 -3.22 -8.51 -6.07
C SER A 44 -3.15 -9.60 -7.15
N LYS A 45 -4.18 -10.44 -7.23
CA LYS A 45 -4.22 -11.54 -8.19
C LYS A 45 -4.60 -11.09 -9.62
N THR A 46 -5.55 -10.18 -9.73
CA THR A 46 -6.01 -9.69 -11.04
C THR A 46 -5.20 -8.46 -11.46
N TYR A 47 -4.79 -7.72 -10.45
CA TYR A 47 -4.02 -6.49 -10.62
C TYR A 47 -2.51 -6.76 -10.67
N THR A 48 -2.12 -8.00 -10.90
CA THR A 48 -0.71 -8.40 -10.86
C THR A 48 0.20 -7.57 -11.77
N LYS A 49 -0.33 -6.56 -12.44
CA LYS A 49 0.51 -5.67 -13.25
C LYS A 49 1.09 -4.59 -12.31
N MET A 50 0.31 -4.28 -11.27
CA MET A 50 0.68 -3.32 -10.22
C MET A 50 1.34 -4.10 -9.10
N VAL A 51 2.35 -3.52 -8.45
CA VAL A 51 3.04 -4.22 -7.37
C VAL A 51 2.46 -3.83 -6.02
N PHE A 52 2.05 -4.86 -5.27
CA PHE A 52 1.46 -4.67 -3.96
C PHE A 52 2.42 -5.02 -2.83
N ILE A 53 2.63 -4.07 -1.92
CA ILE A 53 3.51 -4.29 -0.76
C ILE A 53 2.84 -3.73 0.51
N LYS A 54 3.35 -4.13 1.67
CA LYS A 54 2.82 -3.69 2.96
C LYS A 54 3.95 -3.13 3.81
N VAL A 55 3.73 -1.96 4.38
CA VAL A 55 4.73 -1.33 5.22
C VAL A 55 4.10 -0.72 6.47
N ASP A 56 4.49 -1.24 7.62
CA ASP A 56 3.96 -0.78 8.89
C ASP A 56 4.68 0.49 9.35
N VAL A 57 4.01 1.26 10.19
CA VAL A 57 4.56 2.52 10.69
C VAL A 57 5.46 2.31 11.91
N ASP A 58 5.23 1.22 12.63
CA ASP A 58 5.98 0.93 13.84
C ASP A 58 7.41 0.47 13.55
N GLU A 59 7.57 -0.49 12.65
CA GLU A 59 8.88 -1.01 12.32
C GLU A 59 9.71 -0.01 11.52
N VAL A 60 9.08 0.66 10.57
CA VAL A 60 9.77 1.64 9.75
C VAL A 60 9.12 3.02 9.83
N SER A 61 9.37 3.71 10.93
CA SER A 61 8.82 5.05 11.13
C SER A 61 9.32 6.01 10.07
N GLU A 62 10.55 5.78 9.61
CA GLU A 62 11.14 6.62 8.58
C GLU A 62 10.25 6.66 7.34
N VAL A 63 9.57 5.54 7.09
CA VAL A 63 8.66 5.45 5.95
C VAL A 63 7.51 6.44 6.11
N THR A 64 7.01 6.53 7.32
CA THR A 64 5.92 7.44 7.63
C THR A 64 6.32 8.87 7.29
N GLU A 65 7.55 9.22 7.63
CA GLU A 65 8.08 10.56 7.37
C GLU A 65 8.29 10.80 5.88
N LYS A 66 8.65 9.75 5.14
CA LYS A 66 8.89 9.87 3.71
C LYS A 66 7.64 10.35 2.96
N GLU A 67 6.49 9.84 3.37
CA GLU A 67 5.23 10.20 2.74
C GLU A 67 4.35 11.00 3.72
N ASN A 68 4.94 11.37 4.85
CA ASN A 68 4.23 12.15 5.86
C ASN A 68 2.90 11.49 6.25
N ILE A 69 2.96 10.17 6.46
CA ILE A 69 1.77 9.41 6.85
C ILE A 69 1.07 10.04 8.04
N THR A 70 -0.08 10.64 7.80
CA THR A 70 -0.83 11.31 8.86
C THR A 70 -2.13 10.59 9.23
N SER A 71 -2.83 10.06 8.23
CA SER A 71 -4.09 9.37 8.47
C SER A 71 -4.02 7.89 8.10
N MET A 72 -4.25 7.02 9.09
CA MET A 72 -4.21 5.57 8.87
C MET A 72 -5.58 4.94 9.12
N PRO A 73 -5.90 3.82 8.45
CA PRO A 73 -5.01 3.21 7.45
C PRO A 73 -4.94 4.01 6.16
N THR A 74 -3.75 4.11 5.57
CA THR A 74 -3.57 4.88 4.34
C THR A 74 -3.09 4.00 3.18
N PHE A 75 -3.82 4.08 2.07
CA PHE A 75 -3.46 3.35 0.86
C PHE A 75 -3.08 4.35 -0.22
N LYS A 76 -1.84 4.31 -0.66
CA LYS A 76 -1.38 5.23 -1.67
C LYS A 76 -0.78 4.49 -2.86
N VAL A 77 -1.11 4.94 -4.06
CA VAL A 77 -0.58 4.33 -5.26
C VAL A 77 0.59 5.16 -5.75
N TYR A 78 1.68 4.50 -6.11
CA TYR A 78 2.86 5.20 -6.54
C TYR A 78 3.17 4.96 -8.02
N LYS A 79 3.31 6.04 -8.76
CA LYS A 79 3.61 5.97 -10.18
C LYS A 79 4.96 6.61 -10.47
N ASN A 80 5.81 5.87 -11.16
CA ASN A 80 7.15 6.33 -11.50
C ASN A 80 7.93 6.68 -10.23
N GLY A 81 7.68 5.90 -9.18
CA GLY A 81 8.39 6.11 -7.93
C GLY A 81 7.93 7.32 -7.14
N SER A 82 6.62 7.61 -7.16
CA SER A 82 6.12 8.76 -6.42
C SER A 82 4.62 8.66 -6.18
N SER A 83 4.06 9.70 -5.56
CA SER A 83 2.62 9.73 -5.24
C SER A 83 1.75 9.88 -6.49
N VAL A 84 0.54 9.34 -6.41
CA VAL A 84 -0.41 9.41 -7.49
C VAL A 84 -1.87 9.39 -7.00
N ASP A 85 -2.15 8.61 -5.95
CA ASP A 85 -3.51 8.54 -5.38
C ASP A 85 -3.46 8.19 -3.90
N THR A 86 -4.43 8.70 -3.13
CA THR A 86 -4.50 8.43 -1.71
C THR A 86 -5.89 7.95 -1.29
N LEU A 87 -5.93 6.88 -0.49
CA LEU A 87 -7.20 6.34 -0.03
C LEU A 87 -7.23 6.29 1.51
N LEU A 88 -8.26 6.92 2.08
CA LEU A 88 -8.40 6.98 3.54
C LEU A 88 -9.25 5.80 4.04
N GLY A 89 -8.82 5.21 5.15
CA GLY A 89 -9.54 4.07 5.70
C GLY A 89 -9.46 2.89 4.75
N ALA A 90 -9.28 1.69 5.28
CA ALA A 90 -9.17 0.53 4.42
C ALA A 90 -10.52 -0.11 4.18
N ASN A 91 -11.02 0.06 2.97
CA ASN A 91 -12.28 -0.53 2.55
C ASN A 91 -12.04 -1.39 1.33
N ASP A 92 -12.65 -2.57 1.27
CA ASP A 92 -12.44 -3.43 0.12
C ASP A 92 -13.03 -2.78 -1.13
N SER A 93 -14.20 -2.19 -0.98
CA SER A 93 -14.90 -1.51 -2.05
C SER A 93 -14.24 -0.20 -2.49
N ALA A 94 -13.72 0.56 -1.53
CA ALA A 94 -13.09 1.85 -1.84
C ALA A 94 -11.79 1.64 -2.55
N LEU A 95 -11.08 0.62 -2.14
CA LEU A 95 -9.83 0.30 -2.76
C LEU A 95 -10.09 -0.36 -4.11
N LYS A 96 -11.23 -1.06 -4.20
CA LYS A 96 -11.58 -1.74 -5.41
C LYS A 96 -11.57 -0.74 -6.55
N GLN A 97 -12.23 0.38 -6.33
CA GLN A 97 -12.28 1.44 -7.32
C GLN A 97 -10.93 2.17 -7.44
N LEU A 98 -10.21 2.33 -6.32
CA LEU A 98 -8.90 3.02 -6.36
C LEU A 98 -7.85 2.19 -7.12
N ILE A 99 -7.75 0.93 -6.74
CA ILE A 99 -6.81 0.01 -7.32
C ILE A 99 -7.18 -0.31 -8.77
N GLU A 100 -8.48 -0.33 -9.02
CA GLU A 100 -9.01 -0.57 -10.36
C GLU A 100 -8.63 0.54 -11.33
N LYS A 101 -8.53 1.75 -10.81
CA LYS A 101 -8.24 2.92 -11.64
C LYS A 101 -6.91 2.83 -12.37
N TYR A 102 -5.89 2.42 -11.67
CA TYR A 102 -4.56 2.30 -12.26
C TYR A 102 -4.28 0.86 -12.62
N ALA A 103 -4.82 -0.03 -11.81
CA ALA A 103 -4.60 -1.45 -12.00
C ALA A 103 -5.76 -2.13 -12.73
N ALA A 104 -6.96 -1.62 -12.51
CA ALA A 104 -8.16 -2.17 -13.16
C ALA A 104 -8.42 -3.62 -12.78
N SER A 1 0.11 -12.40 -3.48
CA SER A 1 0.83 -12.41 -2.18
C SER A 1 1.36 -11.03 -1.82
N VAL A 2 0.68 -10.36 -0.91
CA VAL A 2 1.11 -9.03 -0.47
C VAL A 2 2.50 -9.12 0.14
N LYS A 3 3.36 -8.17 -0.23
CA LYS A 3 4.73 -8.16 0.26
C LYS A 3 4.92 -7.23 1.43
N ILE A 4 5.70 -7.67 2.41
CA ILE A 4 5.97 -6.86 3.59
C ILE A 4 7.44 -6.45 3.61
N VAL A 5 7.70 -5.16 3.46
CA VAL A 5 9.07 -4.67 3.45
C VAL A 5 9.42 -4.01 4.78
N THR A 6 10.45 -4.55 5.44
CA THR A 6 10.87 -4.05 6.76
C THR A 6 12.03 -3.07 6.69
N SER A 7 12.37 -2.59 5.49
CA SER A 7 13.46 -1.62 5.35
C SER A 7 12.95 -0.31 4.77
N GLN A 8 13.64 0.78 5.11
CA GLN A 8 13.26 2.11 4.63
C GLN A 8 13.57 2.27 3.15
N SER A 9 14.80 1.94 2.76
CA SER A 9 15.22 2.06 1.37
C SER A 9 14.51 1.03 0.52
N GLU A 10 14.30 -0.16 1.08
CA GLU A 10 13.61 -1.21 0.37
C GLU A 10 12.20 -0.78 0.03
N PHE A 11 11.59 -0.03 0.96
CA PHE A 11 10.24 0.48 0.75
C PHE A 11 10.26 1.47 -0.39
N ASP A 12 11.17 2.42 -0.31
CA ASP A 12 11.33 3.43 -1.35
C ASP A 12 11.80 2.79 -2.65
N SER A 13 12.56 1.72 -2.52
CA SER A 13 13.10 1.01 -3.68
C SER A 13 11.99 0.40 -4.50
N ILE A 14 11.05 -0.24 -3.82
CA ILE A 14 9.92 -0.86 -4.51
C ILE A 14 9.14 0.18 -5.29
N ILE A 15 9.04 1.36 -4.71
CA ILE A 15 8.31 2.46 -5.30
C ILE A 15 8.92 2.91 -6.64
N SER A 16 10.24 2.98 -6.69
CA SER A 16 10.98 3.44 -7.88
C SER A 16 11.28 2.36 -8.92
N GLN A 17 11.33 1.10 -8.51
CA GLN A 17 11.67 -0.01 -9.42
C GLN A 17 10.48 -0.54 -10.21
N ASN A 18 9.39 0.20 -10.20
CA ASN A 18 8.18 -0.21 -10.91
C ASN A 18 7.36 1.00 -11.37
N GLU A 19 6.63 0.83 -12.46
CA GLU A 19 5.79 1.91 -13.02
C GLU A 19 4.64 2.24 -12.09
N LEU A 20 3.96 1.22 -11.58
CA LEU A 20 2.86 1.45 -10.68
C LEU A 20 3.09 0.62 -9.44
N VAL A 21 2.99 1.25 -8.28
CA VAL A 21 3.19 0.53 -7.04
C VAL A 21 2.16 0.90 -6.01
N ILE A 22 1.48 -0.12 -5.50
CA ILE A 22 0.49 0.11 -4.47
C ILE A 22 1.00 -0.51 -3.18
N VAL A 23 1.06 0.30 -2.16
CA VAL A 23 1.54 -0.11 -0.87
C VAL A 23 0.59 0.34 0.20
N ASP A 24 0.35 -0.52 1.16
CA ASP A 24 -0.56 -0.18 2.23
C ASP A 24 0.19 0.06 3.53
N PHE A 25 0.17 1.29 3.99
CA PHE A 25 0.77 1.63 5.26
C PHE A 25 -0.30 1.30 6.28
N PHE A 26 -0.04 0.30 7.11
CA PHE A 26 -1.06 -0.18 8.02
C PHE A 26 -0.44 -0.46 9.50
N ALA A 27 -1.18 -0.96 10.60
CA ALA A 27 -0.55 -1.22 11.88
C ALA A 27 -1.25 -2.49 12.49
N GLU A 28 -0.44 -3.40 13.03
CA GLU A 28 -0.87 -4.76 13.59
C GLU A 28 -2.05 -4.93 14.75
N TRP A 29 -2.79 -3.91 15.42
CA TRP A 29 -3.75 -4.18 16.58
C TRP A 29 -5.24 -3.79 16.11
N CYS A 30 -5.58 -3.40 14.77
CA CYS A 30 -6.94 -3.03 14.44
C CYS A 30 -7.65 -4.13 13.66
N GLY A 31 -8.97 -4.19 13.79
CA GLY A 31 -9.75 -5.17 13.07
C GLY A 31 -9.75 -4.94 11.57
N PRO A 32 -10.03 -3.71 11.11
CA PRO A 32 -10.05 -3.37 9.67
C PRO A 32 -8.72 -3.59 9.00
N CYS A 33 -7.66 -3.10 9.64
CA CYS A 33 -6.33 -3.23 9.08
C CYS A 33 -6.08 -4.68 8.64
N LYS A 34 -6.28 -5.62 9.56
CA LYS A 34 -6.12 -7.04 9.26
C LYS A 34 -7.19 -7.56 8.29
N ARG A 35 -8.40 -7.02 8.40
CA ARG A 35 -9.54 -7.43 7.58
C ARG A 35 -9.44 -6.96 6.13
N ILE A 36 -8.72 -5.88 5.91
CA ILE A 36 -8.57 -5.34 4.57
C ILE A 36 -7.48 -6.07 3.80
N ALA A 37 -6.63 -6.80 4.52
CA ALA A 37 -5.54 -7.55 3.90
C ALA A 37 -6.06 -8.63 2.95
N PRO A 38 -7.02 -9.47 3.42
CA PRO A 38 -7.59 -10.56 2.62
C PRO A 38 -8.10 -10.06 1.26
N PHE A 39 -8.83 -8.95 1.25
CA PHE A 39 -9.33 -8.40 -0.01
C PHE A 39 -8.16 -7.83 -0.80
N TYR A 40 -7.21 -7.28 -0.07
CA TYR A 40 -6.01 -6.71 -0.66
C TYR A 40 -5.27 -7.83 -1.42
N GLU A 41 -5.34 -9.03 -0.85
CA GLU A 41 -4.71 -10.20 -1.44
C GLU A 41 -5.36 -10.58 -2.78
N GLU A 42 -6.69 -10.61 -2.82
CA GLU A 42 -7.40 -10.96 -4.05
C GLU A 42 -7.07 -9.95 -5.15
N CYS A 43 -6.98 -8.68 -4.78
CA CYS A 43 -6.66 -7.62 -5.69
C CYS A 43 -5.27 -7.82 -6.30
N SER A 44 -4.37 -8.38 -5.51
CA SER A 44 -3.00 -8.63 -5.94
C SER A 44 -2.89 -9.70 -7.04
N LYS A 45 -3.88 -10.59 -7.14
CA LYS A 45 -3.81 -11.68 -8.12
C LYS A 45 -4.53 -11.36 -9.46
N THR A 46 -5.44 -10.40 -9.47
CA THR A 46 -6.14 -10.04 -10.71
C THR A 46 -5.52 -8.79 -11.31
N TYR A 47 -5.19 -7.89 -10.41
CA TYR A 47 -4.56 -6.62 -10.70
C TYR A 47 -3.04 -6.75 -10.85
N THR A 48 -2.56 -7.97 -11.08
CA THR A 48 -1.12 -8.25 -11.11
C THR A 48 -0.31 -7.33 -12.03
N LYS A 49 -0.95 -6.35 -12.66
CA LYS A 49 -0.22 -5.37 -13.46
C LYS A 49 0.31 -4.25 -12.55
N MET A 50 0.13 -4.46 -11.23
CA MET A 50 0.55 -3.52 -10.17
C MET A 50 1.32 -4.30 -9.13
N VAL A 51 2.25 -3.63 -8.49
CA VAL A 51 3.07 -4.24 -7.47
C VAL A 51 2.46 -4.02 -6.10
N PHE A 52 2.28 -5.09 -5.34
CA PHE A 52 1.66 -4.98 -4.02
C PHE A 52 2.63 -5.24 -2.88
N ILE A 53 2.83 -4.22 -2.06
CA ILE A 53 3.70 -4.32 -0.88
C ILE A 53 3.00 -3.73 0.34
N LYS A 54 3.51 -4.03 1.52
CA LYS A 54 2.95 -3.54 2.77
C LYS A 54 4.06 -2.98 3.64
N VAL A 55 3.80 -1.82 4.25
CA VAL A 55 4.80 -1.19 5.09
C VAL A 55 4.18 -0.69 6.39
N ASP A 56 4.66 -1.26 7.50
CA ASP A 56 4.17 -0.90 8.82
C ASP A 56 4.83 0.38 9.32
N VAL A 57 4.14 1.09 10.21
CA VAL A 57 4.65 2.34 10.74
C VAL A 57 5.58 2.14 11.93
N ASP A 58 5.47 0.98 12.57
CA ASP A 58 6.28 0.68 13.74
C ASP A 58 7.73 0.34 13.38
N GLU A 59 7.90 -0.51 12.37
CA GLU A 59 9.23 -0.92 11.96
C GLU A 59 9.98 0.20 11.26
N VAL A 60 9.30 0.92 10.36
CA VAL A 60 9.94 2.00 9.64
C VAL A 60 9.15 3.30 9.77
N SER A 61 9.31 3.98 10.90
CA SER A 61 8.63 5.24 11.15
C SER A 61 9.05 6.28 10.12
N GLU A 62 10.31 6.20 9.69
CA GLU A 62 10.84 7.13 8.70
C GLU A 62 9.99 7.10 7.44
N VAL A 63 9.40 5.94 7.15
CA VAL A 63 8.55 5.79 5.99
C VAL A 63 7.30 6.65 6.13
N THR A 64 6.76 6.67 7.34
CA THR A 64 5.60 7.47 7.65
C THR A 64 5.86 8.95 7.37
N GLU A 65 7.02 9.41 7.82
CA GLU A 65 7.40 10.81 7.63
C GLU A 65 7.72 11.13 6.17
N LYS A 66 8.39 10.20 5.50
CA LYS A 66 8.78 10.39 4.10
C LYS A 66 7.57 10.64 3.20
N GLU A 67 6.43 10.09 3.59
CA GLU A 67 5.21 10.26 2.79
C GLU A 67 4.21 11.15 3.52
N ASN A 68 4.66 11.79 4.60
CA ASN A 68 3.81 12.68 5.38
C ASN A 68 2.52 11.99 5.77
N ILE A 69 2.63 10.71 6.11
CA ILE A 69 1.48 9.91 6.52
C ILE A 69 0.83 10.52 7.78
N THR A 70 -0.42 10.93 7.66
CA THR A 70 -1.12 11.55 8.78
C THR A 70 -2.24 10.66 9.33
N SER A 71 -2.97 9.97 8.47
CA SER A 71 -4.08 9.13 8.93
C SER A 71 -3.99 7.69 8.42
N MET A 72 -4.28 6.74 9.31
CA MET A 72 -4.25 5.32 8.99
C MET A 72 -5.64 4.69 9.14
N PRO A 73 -5.92 3.60 8.38
CA PRO A 73 -5.00 3.01 7.41
C PRO A 73 -4.88 3.86 6.13
N THR A 74 -3.71 3.88 5.53
CA THR A 74 -3.51 4.66 4.30
C THR A 74 -3.04 3.77 3.14
N PHE A 75 -3.77 3.82 2.03
CA PHE A 75 -3.42 3.07 0.82
C PHE A 75 -3.04 4.07 -0.26
N LYS A 76 -1.79 4.01 -0.70
CA LYS A 76 -1.30 4.94 -1.72
C LYS A 76 -0.78 4.21 -2.95
N VAL A 77 -1.03 4.80 -4.11
CA VAL A 77 -0.55 4.24 -5.36
C VAL A 77 0.55 5.14 -5.90
N TYR A 78 1.65 4.54 -6.33
CA TYR A 78 2.77 5.32 -6.83
C TYR A 78 3.00 5.09 -8.32
N LYS A 79 3.20 6.19 -9.03
CA LYS A 79 3.44 6.14 -10.46
C LYS A 79 4.81 6.74 -10.78
N ASN A 80 5.62 5.95 -11.46
CA ASN A 80 6.96 6.36 -11.83
C ASN A 80 7.81 6.72 -10.62
N GLY A 81 7.60 6.00 -9.51
CA GLY A 81 8.38 6.23 -8.30
C GLY A 81 7.92 7.43 -7.49
N SER A 82 6.64 7.76 -7.55
CA SER A 82 6.12 8.88 -6.78
C SER A 82 4.66 8.66 -6.42
N SER A 83 4.16 9.45 -5.48
CA SER A 83 2.78 9.32 -5.04
C SER A 83 1.82 9.77 -6.13
N VAL A 84 0.81 8.96 -6.39
CA VAL A 84 -0.16 9.28 -7.43
C VAL A 84 -1.56 9.50 -6.84
N ASP A 85 -1.90 8.74 -5.79
CA ASP A 85 -3.19 8.87 -5.13
C ASP A 85 -3.12 8.42 -3.69
N THR A 86 -4.17 8.69 -2.93
CA THR A 86 -4.24 8.30 -1.53
C THR A 86 -5.64 7.82 -1.16
N LEU A 87 -5.72 6.67 -0.51
CA LEU A 87 -7.01 6.12 -0.09
C LEU A 87 -7.10 6.07 1.44
N LEU A 88 -8.08 6.77 1.99
CA LEU A 88 -8.28 6.83 3.44
C LEU A 88 -9.25 5.75 3.89
N GLY A 89 -8.93 5.11 5.02
CA GLY A 89 -9.77 4.04 5.52
C GLY A 89 -9.70 2.85 4.60
N ALA A 90 -9.39 1.67 5.14
CA ALA A 90 -9.28 0.50 4.30
C ALA A 90 -10.62 -0.21 4.12
N ASN A 91 -11.15 -0.09 2.91
CA ASN A 91 -12.40 -0.73 2.54
C ASN A 91 -12.12 -1.64 1.35
N ASP A 92 -12.73 -2.81 1.32
CA ASP A 92 -12.50 -3.71 0.19
C ASP A 92 -13.05 -3.10 -1.09
N SER A 93 -14.23 -2.50 -0.98
CA SER A 93 -14.91 -1.86 -2.11
C SER A 93 -14.24 -0.57 -2.56
N ALA A 94 -13.74 0.22 -1.61
CA ALA A 94 -13.11 1.50 -1.94
C ALA A 94 -11.81 1.27 -2.65
N LEU A 95 -11.04 0.34 -2.14
CA LEU A 95 -9.80 0.01 -2.76
C LEU A 95 -10.06 -0.67 -4.09
N LYS A 96 -11.17 -1.41 -4.16
CA LYS A 96 -11.52 -2.11 -5.38
C LYS A 96 -11.55 -1.08 -6.50
N GLN A 97 -12.15 0.05 -6.20
CA GLN A 97 -12.21 1.16 -7.13
C GLN A 97 -10.84 1.81 -7.29
N LEU A 98 -10.05 1.82 -6.20
CA LEU A 98 -8.74 2.44 -6.23
C LEU A 98 -7.77 1.67 -7.13
N ILE A 99 -7.71 0.36 -6.91
CA ILE A 99 -6.83 -0.49 -7.69
C ILE A 99 -7.32 -0.60 -9.12
N GLU A 100 -8.62 -0.57 -9.29
CA GLU A 100 -9.22 -0.65 -10.59
C GLU A 100 -8.86 0.56 -11.45
N LYS A 101 -8.70 1.69 -10.81
CA LYS A 101 -8.39 2.94 -11.51
C LYS A 101 -7.04 2.92 -12.21
N TYR A 102 -6.03 2.44 -11.51
CA TYR A 102 -4.67 2.40 -12.06
C TYR A 102 -4.34 1.02 -12.57
N ALA A 103 -5.00 0.02 -12.02
CA ALA A 103 -4.76 -1.36 -12.42
C ALA A 103 -5.83 -1.84 -13.37
N ALA A 104 -7.07 -1.41 -13.15
CA ALA A 104 -8.16 -1.81 -14.02
C ALA A 104 -8.54 -0.71 -15.00
N SER A 1 0.98 -11.83 -4.59
CA SER A 1 1.58 -12.07 -3.26
C SER A 1 1.73 -10.77 -2.48
N VAL A 2 0.77 -10.48 -1.59
CA VAL A 2 0.85 -9.28 -0.77
C VAL A 2 2.09 -9.40 0.09
N LYS A 3 3.13 -8.68 -0.30
CA LYS A 3 4.42 -8.75 0.35
C LYS A 3 4.65 -7.63 1.34
N ILE A 4 5.04 -8.01 2.55
CA ILE A 4 5.33 -7.04 3.61
C ILE A 4 6.83 -6.82 3.71
N VAL A 5 7.27 -5.61 3.41
CA VAL A 5 8.69 -5.29 3.47
C VAL A 5 9.06 -4.72 4.84
N THR A 6 9.99 -5.41 5.51
CA THR A 6 10.42 -5.01 6.85
C THR A 6 11.61 -4.06 6.85
N SER A 7 12.19 -3.78 5.68
CA SER A 7 13.33 -2.88 5.62
C SER A 7 12.91 -1.51 5.08
N GLN A 8 13.64 -0.48 5.48
CA GLN A 8 13.34 0.88 5.03
C GLN A 8 13.72 1.07 3.57
N SER A 9 14.95 0.70 3.23
CA SER A 9 15.45 0.83 1.87
C SER A 9 14.67 -0.08 0.93
N GLU A 10 14.33 -1.28 1.43
CA GLU A 10 13.57 -2.23 0.64
C GLU A 10 12.23 -1.61 0.26
N PHE A 11 11.66 -0.84 1.18
CA PHE A 11 10.40 -0.16 0.95
C PHE A 11 10.56 0.89 -0.13
N ASP A 12 11.58 1.72 0.04
CA ASP A 12 11.87 2.79 -0.91
C ASP A 12 12.33 2.20 -2.23
N SER A 13 13.00 1.07 -2.16
CA SER A 13 13.51 0.40 -3.36
C SER A 13 12.36 -0.06 -4.23
N ILE A 14 11.32 -0.58 -3.60
CA ILE A 14 10.16 -1.06 -4.34
C ILE A 14 9.46 0.07 -5.07
N ILE A 15 9.43 1.22 -4.43
CA ILE A 15 8.77 2.41 -4.98
C ILE A 15 9.41 2.88 -6.29
N SER A 16 10.74 2.87 -6.34
CA SER A 16 11.50 3.34 -7.50
C SER A 16 11.74 2.27 -8.59
N GLN A 17 11.72 1.01 -8.21
CA GLN A 17 12.03 -0.09 -9.16
C GLN A 17 10.82 -0.53 -9.99
N ASN A 18 9.74 0.25 -9.98
CA ASN A 18 8.55 -0.09 -10.73
C ASN A 18 7.78 1.14 -11.18
N GLU A 19 7.00 0.99 -12.24
CA GLU A 19 6.19 2.10 -12.78
C GLU A 19 5.10 2.45 -11.79
N LEU A 20 4.35 1.45 -11.34
CA LEU A 20 3.30 1.70 -10.37
C LEU A 20 3.49 0.78 -9.20
N VAL A 21 3.46 1.35 -8.00
CA VAL A 21 3.62 0.57 -6.80
C VAL A 21 2.55 0.92 -5.80
N ILE A 22 1.75 -0.06 -5.42
CA ILE A 22 0.71 0.19 -4.45
C ILE A 22 1.06 -0.53 -3.18
N VAL A 23 1.10 0.24 -2.12
CA VAL A 23 1.45 -0.27 -0.81
C VAL A 23 0.48 0.25 0.23
N ASP A 24 0.15 -0.59 1.18
CA ASP A 24 -0.76 -0.19 2.23
C ASP A 24 -0.03 0.00 3.53
N PHE A 25 0.04 1.25 3.99
CA PHE A 25 0.67 1.55 5.26
C PHE A 25 -0.40 1.30 6.30
N PHE A 26 -0.18 0.29 7.12
CA PHE A 26 -1.17 -0.15 8.08
C PHE A 26 -0.49 -0.43 9.51
N ALA A 27 -1.19 -0.90 10.66
CA ALA A 27 -0.49 -1.19 11.89
C ALA A 27 -1.15 -2.45 12.53
N GLU A 28 -0.32 -3.34 13.05
CA GLU A 28 -0.70 -4.72 13.62
C GLU A 28 -1.85 -4.91 14.82
N TRP A 29 -2.59 -3.88 15.51
CA TRP A 29 -3.52 -4.17 16.70
C TRP A 29 -5.02 -3.83 16.27
N CYS A 30 -5.40 -3.47 14.93
CA CYS A 30 -6.79 -3.13 14.65
C CYS A 30 -7.52 -4.21 13.85
N GLY A 31 -8.84 -4.19 13.94
CA GLY A 31 -9.66 -5.14 13.20
C GLY A 31 -9.63 -4.92 11.69
N PRO A 32 -9.85 -3.66 11.23
CA PRO A 32 -9.86 -3.31 9.79
C PRO A 32 -8.56 -3.62 9.07
N CYS A 33 -7.43 -3.24 9.67
CA CYS A 33 -6.14 -3.49 9.02
C CYS A 33 -6.06 -4.94 8.53
N LYS A 34 -6.29 -5.88 9.43
CA LYS A 34 -6.27 -7.31 9.08
C LYS A 34 -7.45 -7.67 8.16
N ARG A 35 -8.57 -7.00 8.37
CA ARG A 35 -9.80 -7.26 7.61
C ARG A 35 -9.71 -6.79 6.16
N ILE A 36 -8.87 -5.81 5.90
CA ILE A 36 -8.72 -5.27 4.57
C ILE A 36 -7.75 -6.11 3.74
N ALA A 37 -7.00 -6.98 4.40
CA ALA A 37 -6.03 -7.84 3.72
C ALA A 37 -6.71 -8.84 2.78
N PRO A 38 -7.75 -9.55 3.27
CA PRO A 38 -8.47 -10.55 2.47
C PRO A 38 -8.95 -10.01 1.13
N PHE A 39 -9.54 -8.83 1.12
CA PHE A 39 -10.00 -8.23 -0.12
C PHE A 39 -8.80 -7.79 -0.93
N TYR A 40 -7.78 -7.34 -0.22
CA TYR A 40 -6.55 -6.90 -0.84
C TYR A 40 -5.94 -8.06 -1.62
N GLU A 41 -6.12 -9.27 -1.09
CA GLU A 41 -5.60 -10.47 -1.74
C GLU A 41 -6.27 -10.70 -3.10
N GLU A 42 -7.57 -10.51 -3.15
CA GLU A 42 -8.31 -10.69 -4.40
C GLU A 42 -7.80 -9.69 -5.45
N CYS A 43 -7.61 -8.46 -5.00
CA CYS A 43 -7.12 -7.37 -5.83
C CYS A 43 -5.71 -7.63 -6.34
N SER A 44 -4.89 -8.29 -5.54
CA SER A 44 -3.50 -8.58 -5.89
C SER A 44 -3.33 -9.63 -7.00
N LYS A 45 -4.31 -10.52 -7.17
CA LYS A 45 -4.18 -11.58 -8.18
C LYS A 45 -4.76 -11.22 -9.56
N THR A 46 -5.66 -10.26 -9.60
CA THR A 46 -6.27 -9.84 -10.87
C THR A 46 -5.61 -8.55 -11.38
N TYR A 47 -5.19 -7.75 -10.43
CA TYR A 47 -4.54 -6.47 -10.65
C TYR A 47 -3.02 -6.61 -10.79
N THR A 48 -2.55 -7.84 -11.02
CA THR A 48 -1.11 -8.14 -11.04
C THR A 48 -0.27 -7.27 -11.98
N LYS A 49 -0.87 -6.30 -12.66
CA LYS A 49 -0.11 -5.38 -13.51
C LYS A 49 0.51 -4.26 -12.64
N MET A 50 0.33 -4.40 -11.32
CA MET A 50 0.81 -3.45 -10.30
C MET A 50 1.51 -4.24 -9.19
N VAL A 51 2.48 -3.64 -8.51
CA VAL A 51 3.17 -4.36 -7.43
C VAL A 51 2.53 -4.07 -6.09
N PHE A 52 2.20 -5.13 -5.37
CA PHE A 52 1.55 -4.99 -4.08
C PHE A 52 2.49 -5.30 -2.92
N ILE A 53 2.73 -4.29 -2.08
CA ILE A 53 3.56 -4.48 -0.89
C ILE A 53 2.90 -3.86 0.34
N LYS A 54 3.30 -4.31 1.51
CA LYS A 54 2.74 -3.80 2.78
C LYS A 54 3.86 -3.30 3.66
N VAL A 55 3.70 -2.11 4.20
CA VAL A 55 4.71 -1.53 5.07
C VAL A 55 4.10 -0.97 6.35
N ASP A 56 4.50 -1.55 7.48
CA ASP A 56 4.00 -1.15 8.78
C ASP A 56 4.74 0.09 9.29
N VAL A 57 4.05 0.88 10.10
CA VAL A 57 4.63 2.11 10.64
C VAL A 57 5.45 1.83 11.89
N ASP A 58 5.21 0.69 12.53
CA ASP A 58 5.90 0.32 13.76
C ASP A 58 7.34 -0.13 13.51
N GLU A 59 7.53 -0.96 12.51
CA GLU A 59 8.85 -1.49 12.18
C GLU A 59 9.76 -0.43 11.59
N VAL A 60 9.23 0.38 10.69
CA VAL A 60 10.02 1.42 10.06
C VAL A 60 9.35 2.79 10.17
N SER A 61 9.50 3.42 11.32
CA SER A 61 8.93 4.74 11.55
C SER A 61 9.47 5.74 10.53
N GLU A 62 10.72 5.53 10.13
CA GLU A 62 11.36 6.41 9.15
C GLU A 62 10.58 6.40 7.85
N VAL A 63 9.90 5.30 7.56
CA VAL A 63 9.10 5.18 6.35
C VAL A 63 7.91 6.12 6.41
N THR A 64 7.34 6.21 7.60
CA THR A 64 6.19 7.08 7.82
C THR A 64 6.58 8.53 7.56
N GLU A 65 7.74 8.93 8.08
CA GLU A 65 8.24 10.28 7.91
C GLU A 65 8.68 10.54 6.47
N LYS A 66 9.32 9.54 5.86
CA LYS A 66 9.82 9.66 4.50
C LYS A 66 8.70 9.99 3.52
N GLU A 67 7.54 9.37 3.72
CA GLU A 67 6.40 9.58 2.85
C GLU A 67 5.44 10.64 3.40
N ASN A 68 5.90 11.39 4.40
CA ASN A 68 5.06 12.42 5.00
C ASN A 68 3.70 11.86 5.41
N ILE A 69 3.72 10.64 5.94
CA ILE A 69 2.50 9.97 6.39
C ILE A 69 1.99 10.57 7.69
N THR A 70 0.70 10.93 7.72
CA THR A 70 0.12 11.54 8.91
C THR A 70 -0.87 10.64 9.64
N SER A 71 -1.68 9.88 8.90
CA SER A 71 -2.68 9.01 9.53
C SER A 71 -2.85 7.66 8.80
N MET A 72 -3.12 6.62 9.60
CA MET A 72 -3.34 5.26 9.09
C MET A 72 -4.77 4.80 9.39
N PRO A 73 -5.29 3.79 8.65
CA PRO A 73 -4.57 3.13 7.54
C PRO A 73 -4.50 4.00 6.29
N THR A 74 -3.34 4.05 5.66
CA THR A 74 -3.17 4.82 4.43
C THR A 74 -2.73 3.95 3.26
N PHE A 75 -3.48 4.01 2.17
CA PHE A 75 -3.14 3.26 0.95
C PHE A 75 -2.71 4.26 -0.11
N LYS A 76 -1.47 4.17 -0.54
CA LYS A 76 -0.94 5.09 -1.54
C LYS A 76 -0.42 4.35 -2.75
N VAL A 77 -0.65 4.93 -3.92
CA VAL A 77 -0.17 4.36 -5.16
C VAL A 77 1.01 5.18 -5.65
N TYR A 78 2.06 4.52 -6.08
CA TYR A 78 3.25 5.22 -6.53
C TYR A 78 3.46 5.05 -8.02
N LYS A 79 3.60 6.19 -8.71
CA LYS A 79 3.83 6.18 -10.14
C LYS A 79 5.19 6.81 -10.44
N ASN A 80 6.01 6.04 -11.11
CA ASN A 80 7.36 6.48 -11.46
C ASN A 80 8.15 6.82 -10.20
N GLY A 81 7.92 6.06 -9.13
CA GLY A 81 8.64 6.27 -7.89
C GLY A 81 8.17 7.47 -7.08
N SER A 82 6.88 7.76 -7.09
CA SER A 82 6.37 8.89 -6.32
C SER A 82 4.86 8.81 -6.11
N SER A 83 4.33 9.82 -5.42
CA SER A 83 2.90 9.87 -5.11
C SER A 83 2.04 10.14 -6.34
N VAL A 84 0.96 9.36 -6.45
CA VAL A 84 0.02 9.50 -7.55
C VAL A 84 -1.41 9.69 -7.02
N ASP A 85 -1.76 8.90 -5.99
CA ASP A 85 -3.08 9.00 -5.37
C ASP A 85 -3.01 8.52 -3.91
N THR A 86 -4.08 8.75 -3.16
CA THR A 86 -4.11 8.34 -1.76
C THR A 86 -5.51 7.91 -1.32
N LEU A 87 -5.57 6.90 -0.45
CA LEU A 87 -6.84 6.40 0.05
C LEU A 87 -6.82 6.31 1.57
N LEU A 88 -7.74 7.03 2.21
CA LEU A 88 -7.84 7.05 3.67
C LEU A 88 -8.79 5.99 4.18
N GLY A 89 -8.41 5.31 5.26
CA GLY A 89 -9.24 4.27 5.81
C GLY A 89 -9.28 3.06 4.89
N ALA A 90 -9.04 1.87 5.42
CA ALA A 90 -9.04 0.68 4.58
C ALA A 90 -10.44 0.14 4.38
N ASN A 91 -10.93 0.33 3.16
CA ASN A 91 -12.24 -0.18 2.77
C ASN A 91 -12.06 -1.07 1.54
N ASP A 92 -12.73 -2.22 1.52
CA ASP A 92 -12.57 -3.14 0.40
C ASP A 92 -13.10 -2.50 -0.90
N SER A 93 -14.25 -1.85 -0.80
CA SER A 93 -14.88 -1.19 -1.93
C SER A 93 -14.16 0.07 -2.40
N ALA A 94 -13.63 0.83 -1.44
CA ALA A 94 -12.95 2.08 -1.75
C ALA A 94 -11.65 1.82 -2.48
N LEU A 95 -10.92 0.84 -2.00
CA LEU A 95 -9.69 0.47 -2.63
C LEU A 95 -9.99 -0.20 -3.95
N LYS A 96 -11.13 -0.89 -4.03
CA LYS A 96 -11.51 -1.55 -5.26
C LYS A 96 -11.51 -0.53 -6.37
N GLN A 97 -12.10 0.61 -6.10
CA GLN A 97 -12.16 1.69 -7.05
C GLN A 97 -10.79 2.35 -7.25
N LEU A 98 -10.01 2.46 -6.16
CA LEU A 98 -8.70 3.07 -6.25
C LEU A 98 -7.73 2.22 -7.07
N ILE A 99 -7.68 0.95 -6.72
CA ILE A 99 -6.83 -0.02 -7.37
C ILE A 99 -7.30 -0.34 -8.78
N GLU A 100 -8.61 -0.30 -8.98
CA GLU A 100 -9.21 -0.58 -10.27
C GLU A 100 -8.86 0.44 -11.34
N LYS A 101 -8.72 1.70 -10.95
CA LYS A 101 -8.45 2.77 -11.89
C LYS A 101 -7.08 2.68 -12.55
N TYR A 102 -6.06 2.40 -11.76
CA TYR A 102 -4.70 2.32 -12.28
C TYR A 102 -4.29 0.90 -12.53
N ALA A 103 -5.00 -0.01 -11.91
CA ALA A 103 -4.68 -1.42 -12.03
C ALA A 103 -5.73 -2.16 -12.82
N ALA A 104 -6.99 -1.77 -12.64
CA ALA A 104 -8.07 -2.43 -13.38
C ALA A 104 -8.53 -1.57 -14.55
N SER A 1 0.34 -12.37 -4.47
CA SER A 1 1.27 -12.41 -3.30
C SER A 1 1.63 -11.01 -2.83
N VAL A 2 1.16 -10.63 -1.65
CA VAL A 2 1.47 -9.33 -1.10
C VAL A 2 2.87 -9.39 -0.47
N LYS A 3 3.64 -8.33 -0.64
CA LYS A 3 5.01 -8.31 -0.14
C LYS A 3 5.12 -7.59 1.19
N ILE A 4 5.93 -8.16 2.07
CA ILE A 4 6.17 -7.57 3.38
C ILE A 4 7.64 -7.19 3.49
N VAL A 5 7.90 -5.89 3.50
CA VAL A 5 9.26 -5.38 3.59
C VAL A 5 9.50 -4.71 4.96
N THR A 6 10.49 -5.22 5.68
CA THR A 6 10.81 -4.70 7.02
C THR A 6 11.97 -3.71 7.01
N SER A 7 12.48 -3.36 5.83
CA SER A 7 13.57 -2.40 5.74
C SER A 7 13.08 -1.09 5.15
N GLN A 8 13.75 0.01 5.49
CA GLN A 8 13.35 1.32 4.99
C GLN A 8 13.68 1.48 3.50
N SER A 9 14.90 1.15 3.12
CA SER A 9 15.33 1.26 1.74
C SER A 9 14.56 0.28 0.86
N GLU A 10 14.26 -0.89 1.42
CA GLU A 10 13.52 -1.90 0.68
C GLU A 10 12.15 -1.39 0.29
N PHE A 11 11.49 -0.69 1.22
CA PHE A 11 10.17 -0.13 0.96
C PHE A 11 10.25 0.92 -0.12
N ASP A 12 11.17 1.86 0.07
CA ASP A 12 11.36 2.94 -0.88
C ASP A 12 11.95 2.43 -2.19
N SER A 13 12.74 1.35 -2.10
CA SER A 13 13.37 0.78 -3.27
C SER A 13 12.33 0.18 -4.19
N ILE A 14 11.36 -0.52 -3.60
CA ILE A 14 10.30 -1.12 -4.38
C ILE A 14 9.54 -0.05 -5.15
N ILE A 15 9.36 1.08 -4.50
CA ILE A 15 8.63 2.21 -5.08
C ILE A 15 9.25 2.72 -6.39
N SER A 16 10.58 2.82 -6.41
CA SER A 16 11.33 3.33 -7.57
C SER A 16 11.67 2.27 -8.63
N GLN A 17 11.73 1.01 -8.23
CA GLN A 17 12.12 -0.07 -9.14
C GLN A 17 10.95 -0.62 -9.97
N ASN A 18 9.84 0.11 -9.99
CA ASN A 18 8.66 -0.31 -10.73
C ASN A 18 7.86 0.89 -11.21
N GLU A 19 7.08 0.69 -12.28
CA GLU A 19 6.27 1.76 -12.84
C GLU A 19 5.08 2.09 -11.95
N LEU A 20 4.36 1.07 -11.51
CA LEU A 20 3.23 1.30 -10.65
C LEU A 20 3.36 0.44 -9.42
N VAL A 21 3.22 1.05 -8.24
CA VAL A 21 3.35 0.30 -7.01
C VAL A 21 2.28 0.67 -6.01
N ILE A 22 1.58 -0.34 -5.52
CA ILE A 22 0.56 -0.10 -4.49
C ILE A 22 1.03 -0.71 -3.20
N VAL A 23 1.07 0.13 -2.17
CA VAL A 23 1.52 -0.29 -0.86
C VAL A 23 0.56 0.16 0.21
N ASP A 24 0.37 -0.69 1.21
CA ASP A 24 -0.53 -0.37 2.28
C ASP A 24 0.21 -0.05 3.56
N PHE A 25 0.15 1.20 3.96
CA PHE A 25 0.75 1.60 5.22
C PHE A 25 -0.35 1.28 6.21
N PHE A 26 -0.11 0.29 7.06
CA PHE A 26 -1.15 -0.18 7.95
C PHE A 26 -0.57 -0.50 9.42
N ALA A 27 -1.35 -0.97 10.52
CA ALA A 27 -0.73 -1.27 11.80
C ALA A 27 -1.49 -2.49 12.42
N GLU A 28 -0.72 -3.39 13.02
CA GLU A 28 -1.18 -4.72 13.62
C GLU A 28 -2.40 -4.82 14.74
N TRP A 29 -3.14 -3.76 15.36
CA TRP A 29 -4.13 -4.01 16.50
C TRP A 29 -5.59 -3.60 16.02
N CYS A 30 -5.93 -3.23 14.67
CA CYS A 30 -7.29 -2.82 14.36
C CYS A 30 -8.03 -3.89 13.57
N GLY A 31 -9.36 -3.89 13.69
CA GLY A 31 -10.18 -4.84 12.97
C GLY A 31 -10.14 -4.60 11.46
N PRO A 32 -10.35 -3.36 11.01
CA PRO A 32 -10.33 -3.02 9.57
C PRO A 32 -8.98 -3.29 8.94
N CYS A 33 -7.92 -2.84 9.62
CA CYS A 33 -6.58 -3.03 9.11
C CYS A 33 -6.37 -4.49 8.70
N LYS A 34 -6.64 -5.40 9.63
CA LYS A 34 -6.53 -6.84 9.36
C LYS A 34 -7.60 -7.29 8.36
N ARG A 35 -8.77 -6.68 8.47
CA ARG A 35 -9.94 -7.01 7.65
C ARG A 35 -9.77 -6.62 6.18
N ILE A 36 -8.96 -5.62 5.93
CA ILE A 36 -8.75 -5.15 4.58
C ILE A 36 -7.70 -5.99 3.84
N ALA A 37 -6.93 -6.77 4.60
CA ALA A 37 -5.90 -7.63 4.02
C ALA A 37 -6.52 -8.69 3.10
N PRO A 38 -7.55 -9.42 3.57
CA PRO A 38 -8.20 -10.48 2.79
C PRO A 38 -8.63 -10.00 1.40
N PHE A 39 -9.20 -8.81 1.32
CA PHE A 39 -9.61 -8.27 0.03
C PHE A 39 -8.38 -7.80 -0.72
N TYR A 40 -7.42 -7.32 0.05
CA TYR A 40 -6.15 -6.86 -0.48
C TYR A 40 -5.47 -8.01 -1.23
N GLU A 41 -5.64 -9.21 -0.70
CA GLU A 41 -5.06 -10.40 -1.31
C GLU A 41 -5.70 -10.69 -2.66
N GLU A 42 -7.02 -10.50 -2.75
CA GLU A 42 -7.73 -10.74 -3.99
C GLU A 42 -7.22 -9.79 -5.08
N CYS A 43 -7.14 -8.52 -4.73
CA CYS A 43 -6.68 -7.47 -5.65
C CYS A 43 -5.22 -7.70 -6.06
N SER A 44 -4.41 -8.19 -5.13
CA SER A 44 -2.99 -8.41 -5.40
C SER A 44 -2.71 -9.53 -6.43
N LYS A 45 -3.62 -10.49 -6.57
CA LYS A 45 -3.38 -11.61 -7.51
C LYS A 45 -4.01 -11.40 -8.89
N THR A 46 -4.94 -10.47 -9.02
CA THR A 46 -5.60 -10.21 -10.31
C THR A 46 -4.97 -8.98 -10.97
N TYR A 47 -4.61 -8.04 -10.12
CA TYR A 47 -3.99 -6.78 -10.47
C TYR A 47 -2.48 -6.90 -10.68
N THR A 48 -1.98 -8.13 -10.88
CA THR A 48 -0.55 -8.37 -10.96
C THR A 48 0.19 -7.49 -11.98
N LYS A 49 -0.52 -6.58 -12.64
CA LYS A 49 0.14 -5.62 -13.53
C LYS A 49 0.58 -4.40 -12.70
N MET A 50 0.37 -4.53 -11.38
CA MET A 50 0.70 -3.54 -10.36
C MET A 50 1.39 -4.28 -9.22
N VAL A 51 2.44 -3.71 -8.63
CA VAL A 51 3.14 -4.41 -7.56
C VAL A 51 2.62 -4.04 -6.18
N PHE A 52 2.30 -5.07 -5.41
CA PHE A 52 1.76 -4.89 -4.06
C PHE A 52 2.78 -5.21 -2.97
N ILE A 53 2.94 -4.26 -2.05
CA ILE A 53 3.84 -4.41 -0.90
C ILE A 53 3.22 -3.75 0.33
N LYS A 54 3.50 -4.29 1.51
CA LYS A 54 2.95 -3.72 2.74
C LYS A 54 4.07 -3.30 3.69
N VAL A 55 3.88 -2.18 4.36
CA VAL A 55 4.90 -1.67 5.28
C VAL A 55 4.28 -1.12 6.56
N ASP A 56 4.63 -1.76 7.67
CA ASP A 56 4.14 -1.37 8.98
C ASP A 56 4.91 -0.15 9.48
N VAL A 57 4.24 0.69 10.24
CA VAL A 57 4.84 1.91 10.76
C VAL A 57 5.77 1.61 11.93
N ASP A 58 5.48 0.51 12.62
CA ASP A 58 6.26 0.12 13.78
C ASP A 58 7.64 -0.42 13.38
N GLU A 59 7.72 -1.04 12.20
CA GLU A 59 9.00 -1.60 11.75
C GLU A 59 9.96 -0.50 11.34
N VAL A 60 9.42 0.60 10.83
CA VAL A 60 10.26 1.72 10.41
C VAL A 60 9.48 3.03 10.42
N SER A 61 9.54 3.74 11.55
CA SER A 61 8.87 5.03 11.69
C SER A 61 9.32 5.99 10.60
N GLU A 62 10.57 5.86 10.19
CA GLU A 62 11.15 6.70 9.16
C GLU A 62 10.32 6.63 7.89
N VAL A 63 9.75 5.47 7.64
CA VAL A 63 8.91 5.27 6.45
C VAL A 63 7.69 6.19 6.53
N THR A 64 7.14 6.29 7.73
CA THR A 64 5.99 7.13 7.98
C THR A 64 6.32 8.58 7.65
N GLU A 65 7.51 9.01 8.08
CA GLU A 65 7.98 10.37 7.83
C GLU A 65 8.31 10.57 6.34
N LYS A 66 8.90 9.56 5.72
CA LYS A 66 9.27 9.64 4.31
C LYS A 66 8.07 9.93 3.42
N GLU A 67 6.91 9.42 3.80
CA GLU A 67 5.69 9.64 3.03
C GLU A 67 4.78 10.64 3.73
N ASN A 68 5.28 11.27 4.79
CA ASN A 68 4.50 12.26 5.53
C ASN A 68 3.14 11.67 5.93
N ILE A 69 3.17 10.44 6.44
CA ILE A 69 1.95 9.75 6.86
C ILE A 69 1.36 10.39 8.12
N THR A 70 0.14 10.90 8.00
CA THR A 70 -0.53 11.54 9.12
C THR A 70 -1.70 10.73 9.66
N SER A 71 -2.47 10.10 8.77
CA SER A 71 -3.63 9.33 9.18
C SER A 71 -3.66 7.93 8.56
N MET A 72 -3.93 6.93 9.40
CA MET A 72 -4.01 5.53 8.97
C MET A 72 -5.41 4.97 9.21
N PRO A 73 -5.80 3.91 8.48
CA PRO A 73 -4.98 3.27 7.43
C PRO A 73 -4.90 4.10 6.15
N THR A 74 -3.77 4.01 5.43
CA THR A 74 -3.61 4.74 4.17
C THR A 74 -3.10 3.84 3.04
N PHE A 75 -3.80 3.89 1.90
CA PHE A 75 -3.42 3.13 0.70
C PHE A 75 -3.01 4.11 -0.38
N LYS A 76 -1.75 4.05 -0.78
CA LYS A 76 -1.24 4.96 -1.79
C LYS A 76 -0.63 4.20 -2.96
N VAL A 77 -0.97 4.64 -4.18
CA VAL A 77 -0.43 4.03 -5.38
C VAL A 77 0.72 4.90 -5.87
N TYR A 78 1.83 4.27 -6.19
CA TYR A 78 3.00 5.00 -6.64
C TYR A 78 3.31 4.74 -8.11
N LYS A 79 3.41 5.83 -8.86
CA LYS A 79 3.70 5.74 -10.28
C LYS A 79 5.02 6.43 -10.60
N ASN A 80 5.88 5.71 -11.30
CA ASN A 80 7.20 6.21 -11.67
C ASN A 80 8.00 6.59 -10.44
N GLY A 81 7.82 5.83 -9.35
CA GLY A 81 8.57 6.08 -8.14
C GLY A 81 8.06 7.28 -7.36
N SER A 82 6.76 7.49 -7.34
CA SER A 82 6.20 8.62 -6.60
C SER A 82 4.71 8.40 -6.32
N SER A 83 4.16 9.20 -5.43
CA SER A 83 2.76 9.07 -5.07
C SER A 83 1.86 9.51 -6.22
N VAL A 84 0.84 8.70 -6.48
CA VAL A 84 -0.09 8.98 -7.57
C VAL A 84 -1.53 9.12 -7.06
N ASP A 85 -1.87 8.37 -6.01
CA ASP A 85 -3.21 8.42 -5.44
C ASP A 85 -3.19 8.04 -3.96
N THR A 86 -4.15 8.55 -3.20
CA THR A 86 -4.25 8.26 -1.79
C THR A 86 -5.66 7.83 -1.40
N LEU A 87 -5.77 6.69 -0.73
CA LEU A 87 -7.07 6.17 -0.31
C LEU A 87 -7.15 6.15 1.22
N LEU A 88 -8.13 6.88 1.76
CA LEU A 88 -8.32 6.98 3.21
C LEU A 88 -9.29 5.91 3.69
N GLY A 89 -8.96 5.30 4.83
CA GLY A 89 -9.80 4.25 5.37
C GLY A 89 -9.77 3.03 4.49
N ALA A 90 -9.35 1.90 5.02
CA ALA A 90 -9.26 0.70 4.22
C ALA A 90 -10.63 0.08 3.98
N ASN A 91 -11.09 0.20 2.74
CA ASN A 91 -12.36 -0.36 2.31
C ASN A 91 -12.10 -1.31 1.15
N ASP A 92 -12.71 -2.48 1.17
CA ASP A 92 -12.49 -3.44 0.09
C ASP A 92 -13.03 -2.88 -1.23
N SER A 93 -14.21 -2.29 -1.16
CA SER A 93 -14.87 -1.70 -2.33
C SER A 93 -14.22 -0.42 -2.82
N ALA A 94 -13.78 0.43 -1.89
CA ALA A 94 -13.18 1.71 -2.26
C ALA A 94 -11.84 1.49 -2.93
N LEU A 95 -11.10 0.55 -2.41
CA LEU A 95 -9.82 0.23 -2.98
C LEU A 95 -10.04 -0.48 -4.30
N LYS A 96 -11.11 -1.26 -4.37
CA LYS A 96 -11.41 -1.99 -5.60
C LYS A 96 -11.47 -1.01 -6.76
N GLN A 97 -12.13 0.10 -6.52
CA GLN A 97 -12.23 1.15 -7.51
C GLN A 97 -10.89 1.85 -7.68
N LEU A 98 -10.12 1.95 -6.58
CA LEU A 98 -8.83 2.61 -6.63
C LEU A 98 -7.82 1.82 -7.46
N ILE A 99 -7.72 0.53 -7.15
CA ILE A 99 -6.80 -0.34 -7.85
C ILE A 99 -7.23 -0.57 -9.29
N GLU A 100 -8.52 -0.58 -9.49
CA GLU A 100 -9.09 -0.78 -10.79
C GLU A 100 -8.70 0.33 -11.77
N LYS A 101 -8.52 1.52 -11.24
CA LYS A 101 -8.19 2.68 -12.08
C LYS A 101 -6.86 2.55 -12.79
N TYR A 102 -5.86 2.13 -12.06
CA TYR A 102 -4.52 1.99 -12.61
C TYR A 102 -4.23 0.54 -12.95
N ALA A 103 -4.82 -0.36 -12.18
CA ALA A 103 -4.61 -1.77 -12.40
C ALA A 103 -5.68 -2.34 -13.31
N ALA A 104 -6.89 -1.82 -13.18
CA ALA A 104 -7.98 -2.30 -14.02
C ALA A 104 -8.37 -1.27 -15.08
N SER A 1 -0.12 -12.18 -3.67
CA SER A 1 0.74 -12.31 -2.46
C SER A 1 1.35 -10.96 -2.08
N VAL A 2 0.70 -10.26 -1.16
CA VAL A 2 1.19 -8.97 -0.70
C VAL A 2 2.59 -9.11 -0.10
N LYS A 3 3.46 -8.16 -0.41
CA LYS A 3 4.84 -8.19 0.07
C LYS A 3 5.05 -7.32 1.29
N ILE A 4 5.85 -7.84 2.22
CA ILE A 4 6.16 -7.10 3.45
C ILE A 4 7.65 -6.87 3.55
N VAL A 5 8.07 -5.61 3.43
CA VAL A 5 9.47 -5.27 3.51
C VAL A 5 9.89 -4.97 4.95
N THR A 6 11.19 -5.04 5.22
CA THR A 6 11.71 -4.77 6.56
C THR A 6 12.77 -3.67 6.57
N SER A 7 12.92 -2.96 5.45
CA SER A 7 13.91 -1.88 5.37
C SER A 7 13.28 -0.61 4.81
N GLN A 8 13.85 0.53 5.17
CA GLN A 8 13.33 1.82 4.71
C GLN A 8 13.61 2.02 3.22
N SER A 9 14.85 1.79 2.83
CA SER A 9 15.23 1.94 1.42
C SER A 9 14.46 0.93 0.58
N GLU A 10 14.21 -0.24 1.15
CA GLU A 10 13.47 -1.30 0.45
C GLU A 10 12.09 -0.80 0.08
N PHE A 11 11.45 -0.08 0.99
CA PHE A 11 10.10 0.45 0.74
C PHE A 11 10.17 1.47 -0.37
N ASP A 12 11.07 2.43 -0.21
CA ASP A 12 11.25 3.49 -1.20
C ASP A 12 11.80 2.92 -2.50
N SER A 13 12.54 1.82 -2.40
CA SER A 13 13.13 1.19 -3.56
C SER A 13 12.06 0.63 -4.47
N ILE A 14 11.09 -0.05 -3.87
CA ILE A 14 10.01 -0.63 -4.64
C ILE A 14 9.24 0.45 -5.38
N ILE A 15 9.10 1.58 -4.71
CA ILE A 15 8.36 2.72 -5.27
C ILE A 15 8.95 3.21 -6.60
N SER A 16 10.28 3.30 -6.67
CA SER A 16 10.98 3.79 -7.86
C SER A 16 11.28 2.71 -8.93
N GLN A 17 11.35 1.46 -8.51
CA GLN A 17 11.72 0.35 -9.43
C GLN A 17 10.53 -0.19 -10.23
N ASN A 18 9.42 0.51 -10.23
CA ASN A 18 8.23 0.07 -10.95
C ASN A 18 7.38 1.26 -11.42
N GLU A 19 6.61 1.04 -12.49
CA GLU A 19 5.74 2.09 -13.03
C GLU A 19 4.62 2.41 -12.06
N LEU A 20 3.94 1.38 -11.57
CA LEU A 20 2.86 1.60 -10.63
C LEU A 20 3.10 0.73 -9.40
N VAL A 21 3.01 1.33 -8.24
CA VAL A 21 3.24 0.61 -7.01
C VAL A 21 2.21 0.94 -5.96
N ILE A 22 1.54 -0.09 -5.46
CA ILE A 22 0.55 0.14 -4.42
C ILE A 22 1.05 -0.48 -3.13
N VAL A 23 1.11 0.34 -2.11
CA VAL A 23 1.58 -0.09 -0.80
C VAL A 23 0.64 0.39 0.27
N ASP A 24 0.43 -0.45 1.26
CA ASP A 24 -0.45 -0.09 2.35
C ASP A 24 0.31 0.15 3.63
N PHE A 25 0.31 1.39 4.07
CA PHE A 25 0.93 1.73 5.33
C PHE A 25 -0.15 1.42 6.34
N PHE A 26 0.11 0.40 7.16
CA PHE A 26 -0.90 -0.09 8.07
C PHE A 26 -0.27 -0.38 9.53
N ALA A 27 -1.00 -0.88 10.64
CA ALA A 27 -0.33 -1.15 11.90
C ALA A 27 -1.02 -2.43 12.52
N GLU A 28 -0.19 -3.33 13.04
CA GLU A 28 -0.59 -4.70 13.59
C GLU A 28 -1.76 -4.89 14.77
N TRP A 29 -2.50 -3.87 15.45
CA TRP A 29 -3.43 -4.17 16.63
C TRP A 29 -4.93 -3.83 16.23
N CYS A 30 -5.36 -3.42 14.90
CA CYS A 30 -6.76 -3.10 14.69
C CYS A 30 -7.49 -4.18 13.89
N GLY A 31 -8.81 -4.19 13.98
CA GLY A 31 -9.62 -5.17 13.27
C GLY A 31 -9.59 -5.00 11.76
N PRO A 32 -9.79 -3.78 11.24
CA PRO A 32 -9.78 -3.50 9.80
C PRO A 32 -8.40 -3.72 9.18
N CYS A 33 -7.37 -3.67 10.02
CA CYS A 33 -6.00 -3.84 9.53
C CYS A 33 -5.88 -5.21 8.85
N LYS A 34 -6.21 -6.26 9.60
CA LYS A 34 -6.19 -7.62 9.08
C LYS A 34 -7.32 -7.87 8.08
N ARG A 35 -8.45 -7.21 8.36
CA ARG A 35 -9.68 -7.36 7.58
C ARG A 35 -9.55 -6.91 6.13
N ILE A 36 -8.63 -6.00 5.86
CA ILE A 36 -8.46 -5.51 4.51
C ILE A 36 -7.56 -6.46 3.71
N ALA A 37 -6.85 -7.33 4.42
CA ALA A 37 -5.94 -8.30 3.80
C ALA A 37 -6.67 -9.27 2.85
N PRO A 38 -7.79 -9.87 3.29
CA PRO A 38 -8.55 -10.82 2.47
C PRO A 38 -8.87 -10.26 1.09
N PHE A 39 -9.35 -9.02 1.04
CA PHE A 39 -9.66 -8.39 -0.23
C PHE A 39 -8.37 -7.94 -0.88
N TYR A 40 -7.41 -7.59 -0.03
CA TYR A 40 -6.11 -7.14 -0.50
C TYR A 40 -5.47 -8.26 -1.32
N GLU A 41 -5.72 -9.49 -0.91
CA GLU A 41 -5.20 -10.66 -1.63
C GLU A 41 -5.88 -10.79 -2.99
N GLU A 42 -7.17 -10.48 -3.02
CA GLU A 42 -7.96 -10.57 -4.25
C GLU A 42 -7.42 -9.62 -5.33
N CYS A 43 -7.22 -8.37 -4.94
CA CYS A 43 -6.71 -7.34 -5.86
C CYS A 43 -5.33 -7.71 -6.39
N SER A 44 -4.54 -8.35 -5.55
CA SER A 44 -3.18 -8.75 -5.92
C SER A 44 -3.15 -9.85 -6.98
N LYS A 45 -4.25 -10.60 -7.09
CA LYS A 45 -4.33 -11.72 -8.02
C LYS A 45 -4.80 -11.33 -9.44
N THR A 46 -5.64 -10.30 -9.55
CA THR A 46 -6.15 -9.87 -10.85
C THR A 46 -5.37 -8.67 -11.36
N TYR A 47 -5.23 -7.71 -10.47
CA TYR A 47 -4.52 -6.47 -10.73
C TYR A 47 -3.01 -6.67 -10.79
N THR A 48 -2.54 -7.90 -10.97
CA THR A 48 -1.11 -8.22 -10.90
C THR A 48 -0.22 -7.36 -11.80
N LYS A 49 -0.78 -6.39 -12.54
CA LYS A 49 0.05 -5.50 -13.34
C LYS A 49 0.72 -4.47 -12.41
N MET A 50 0.10 -4.30 -11.23
CA MET A 50 0.57 -3.39 -10.18
C MET A 50 1.34 -4.17 -9.12
N VAL A 51 2.35 -3.56 -8.52
CA VAL A 51 3.13 -4.25 -7.49
C VAL A 51 2.56 -3.92 -6.11
N PHE A 52 2.28 -4.95 -5.33
CA PHE A 52 1.72 -4.76 -4.01
C PHE A 52 2.71 -5.08 -2.90
N ILE A 53 2.92 -4.10 -2.02
CA ILE A 53 3.80 -4.28 -0.87
C ILE A 53 3.14 -3.73 0.40
N LYS A 54 3.67 -4.10 1.56
CA LYS A 54 3.14 -3.65 2.85
C LYS A 54 4.27 -3.10 3.70
N VAL A 55 4.06 -1.92 4.27
CA VAL A 55 5.07 -1.31 5.11
C VAL A 55 4.43 -0.77 6.40
N ASP A 56 4.86 -1.34 7.52
CA ASP A 56 4.33 -0.98 8.82
C ASP A 56 5.02 0.27 9.36
N VAL A 57 4.32 0.96 10.26
CA VAL A 57 4.85 2.18 10.86
C VAL A 57 5.76 1.88 12.05
N ASP A 58 5.63 0.70 12.61
CA ASP A 58 6.41 0.29 13.77
C ASP A 58 7.85 -0.04 13.41
N GLU A 59 8.03 -0.80 12.34
CA GLU A 59 9.36 -1.21 11.90
C GLU A 59 10.14 -0.04 11.30
N VAL A 60 9.49 0.74 10.47
CA VAL A 60 10.14 1.87 9.83
C VAL A 60 9.36 3.17 10.04
N SER A 61 9.51 3.76 11.22
CA SER A 61 8.83 5.01 11.53
C SER A 61 9.24 6.11 10.56
N GLU A 62 10.48 6.05 10.10
CA GLU A 62 11.01 7.04 9.16
C GLU A 62 10.14 7.09 7.91
N VAL A 63 9.59 5.94 7.55
CA VAL A 63 8.73 5.83 6.39
C VAL A 63 7.47 6.66 6.60
N THR A 64 6.92 6.56 7.80
CA THR A 64 5.72 7.29 8.18
C THR A 64 5.91 8.79 7.99
N GLU A 65 7.05 9.30 8.46
CA GLU A 65 7.35 10.73 8.35
C GLU A 65 7.65 11.13 6.91
N LYS A 66 8.27 10.23 6.16
CA LYS A 66 8.63 10.51 4.77
C LYS A 66 7.40 10.83 3.92
N GLU A 67 6.31 10.10 4.15
CA GLU A 67 5.09 10.33 3.39
C GLU A 67 4.07 11.16 4.18
N ASN A 68 4.51 11.76 5.28
CA ASN A 68 3.62 12.58 6.10
C ASN A 68 2.37 11.79 6.48
N ILE A 69 2.57 10.54 6.88
CA ILE A 69 1.47 9.66 7.26
C ILE A 69 0.76 10.17 8.51
N THR A 70 -0.44 10.71 8.31
CA THR A 70 -1.24 11.25 9.41
C THR A 70 -2.47 10.41 9.73
N SER A 71 -3.13 9.88 8.70
CA SER A 71 -4.35 9.09 8.89
C SER A 71 -4.18 7.65 8.39
N MET A 72 -4.32 6.69 9.30
CA MET A 72 -4.20 5.26 8.96
C MET A 72 -5.52 4.53 9.21
N PRO A 73 -5.74 3.40 8.52
CA PRO A 73 -4.82 2.83 7.52
C PRO A 73 -4.81 3.65 6.22
N THR A 74 -3.63 3.85 5.65
CA THR A 74 -3.51 4.62 4.42
C THR A 74 -2.98 3.76 3.25
N PHE A 75 -3.69 3.81 2.13
CA PHE A 75 -3.30 3.08 0.91
C PHE A 75 -2.90 4.07 -0.17
N LYS A 76 -1.65 4.00 -0.63
CA LYS A 76 -1.15 4.91 -1.64
C LYS A 76 -0.68 4.18 -2.88
N VAL A 77 -1.05 4.72 -4.03
CA VAL A 77 -0.61 4.17 -5.31
C VAL A 77 0.46 5.09 -5.87
N TYR A 78 1.62 4.52 -6.16
CA TYR A 78 2.73 5.32 -6.66
C TYR A 78 2.99 5.06 -8.13
N LYS A 79 3.03 6.14 -8.91
CA LYS A 79 3.28 6.06 -10.34
C LYS A 79 4.57 6.76 -10.70
N ASN A 80 5.43 6.07 -11.43
CA ASN A 80 6.71 6.62 -11.85
C ASN A 80 7.54 7.03 -10.63
N GLY A 81 7.41 6.28 -9.54
CA GLY A 81 8.18 6.56 -8.35
C GLY A 81 7.66 7.76 -7.57
N SER A 82 6.35 7.95 -7.54
CA SER A 82 5.78 9.06 -6.79
C SER A 82 4.31 8.80 -6.46
N SER A 83 3.75 9.64 -5.60
CA SER A 83 2.37 9.49 -5.19
C SER A 83 1.42 9.82 -6.33
N VAL A 84 0.43 8.96 -6.54
CA VAL A 84 -0.54 9.16 -7.61
C VAL A 84 -1.98 9.24 -7.08
N ASP A 85 -2.27 8.49 -6.02
CA ASP A 85 -3.59 8.49 -5.42
C ASP A 85 -3.51 8.13 -3.95
N THR A 86 -4.60 8.35 -3.22
CA THR A 86 -4.62 8.04 -1.81
C THR A 86 -5.98 7.55 -1.35
N LEU A 87 -5.97 6.49 -0.54
CA LEU A 87 -7.19 5.91 -0.01
C LEU A 87 -7.12 5.86 1.52
N LEU A 88 -8.08 6.53 2.17
CA LEU A 88 -8.11 6.57 3.64
C LEU A 88 -8.96 5.43 4.19
N GLY A 89 -8.48 4.80 5.26
CA GLY A 89 -9.21 3.69 5.83
C GLY A 89 -9.19 2.51 4.89
N ALA A 90 -9.07 1.31 5.41
CA ALA A 90 -9.04 0.13 4.55
C ALA A 90 -10.43 -0.34 4.21
N ASN A 91 -10.81 -0.13 2.97
CA ASN A 91 -12.10 -0.55 2.45
C ASN A 91 -11.88 -1.48 1.27
N ASP A 92 -12.53 -2.63 1.26
CA ASP A 92 -12.34 -3.55 0.16
C ASP A 92 -12.86 -2.94 -1.14
N SER A 93 -14.03 -2.30 -1.05
CA SER A 93 -14.69 -1.65 -2.17
C SER A 93 -14.00 -0.36 -2.63
N ALA A 94 -13.51 0.42 -1.67
CA ALA A 94 -12.88 1.71 -1.98
C ALA A 94 -11.56 1.48 -2.66
N LEU A 95 -10.87 0.46 -2.22
CA LEU A 95 -9.61 0.11 -2.81
C LEU A 95 -9.86 -0.52 -4.17
N LYS A 96 -10.99 -1.21 -4.28
CA LYS A 96 -11.37 -1.86 -5.52
C LYS A 96 -11.36 -0.86 -6.65
N GLN A 97 -12.02 0.27 -6.42
CA GLN A 97 -12.08 1.33 -7.41
C GLN A 97 -10.73 2.03 -7.54
N LEU A 98 -9.94 2.08 -6.44
CA LEU A 98 -8.65 2.72 -6.50
C LEU A 98 -7.69 1.92 -7.38
N ILE A 99 -7.63 0.61 -7.13
CA ILE A 99 -6.77 -0.26 -7.89
C ILE A 99 -7.27 -0.42 -9.31
N GLU A 100 -8.57 -0.42 -9.45
CA GLU A 100 -9.20 -0.56 -10.74
C GLU A 100 -8.88 0.60 -11.67
N LYS A 101 -8.72 1.78 -11.09
CA LYS A 101 -8.47 2.99 -11.86
C LYS A 101 -7.12 2.97 -12.58
N TYR A 102 -6.09 2.56 -11.88
CA TYR A 102 -4.75 2.52 -12.46
C TYR A 102 -4.39 1.11 -12.88
N ALA A 103 -4.98 0.13 -12.23
CA ALA A 103 -4.71 -1.25 -12.53
C ALA A 103 -5.76 -1.83 -13.44
N ALA A 104 -7.01 -1.41 -13.25
CA ALA A 104 -8.09 -1.91 -14.10
C ALA A 104 -8.52 -0.87 -15.13
N SER A 1 -0.14 -12.17 -3.86
CA SER A 1 0.70 -12.28 -2.64
C SER A 1 1.28 -10.93 -2.23
N VAL A 2 0.69 -10.33 -1.20
CA VAL A 2 1.17 -9.04 -0.72
C VAL A 2 2.57 -9.20 -0.16
N LYS A 3 3.42 -8.21 -0.39
CA LYS A 3 4.81 -8.27 0.07
C LYS A 3 5.01 -7.51 1.36
N ILE A 4 5.81 -8.09 2.24
CA ILE A 4 6.10 -7.46 3.52
C ILE A 4 7.57 -7.04 3.60
N VAL A 5 7.78 -5.74 3.62
CA VAL A 5 9.12 -5.17 3.68
C VAL A 5 9.38 -4.53 5.05
N THR A 6 10.48 -4.92 5.69
CA THR A 6 10.81 -4.42 7.02
C THR A 6 11.89 -3.33 7.01
N SER A 7 12.37 -2.97 5.82
CA SER A 7 13.40 -1.93 5.73
C SER A 7 12.84 -0.66 5.09
N GLN A 8 13.42 0.48 5.44
CA GLN A 8 12.97 1.76 4.90
C GLN A 8 13.37 1.91 3.43
N SER A 9 14.63 1.66 3.14
CA SER A 9 15.14 1.77 1.78
C SER A 9 14.49 0.72 0.88
N GLU A 10 14.29 -0.48 1.42
CA GLU A 10 13.64 -1.55 0.67
C GLU A 10 12.25 -1.11 0.24
N PHE A 11 11.61 -0.33 1.10
CA PHE A 11 10.28 0.20 0.82
C PHE A 11 10.36 1.22 -0.31
N ASP A 12 11.28 2.17 -0.14
CA ASP A 12 11.49 3.22 -1.13
C ASP A 12 11.97 2.63 -2.45
N SER A 13 12.73 1.55 -2.33
CA SER A 13 13.28 0.88 -3.50
C SER A 13 12.18 0.33 -4.38
N ILE A 14 11.20 -0.31 -3.77
CA ILE A 14 10.09 -0.89 -4.50
C ILE A 14 9.33 0.20 -5.26
N ILE A 15 9.23 1.35 -4.62
CA ILE A 15 8.51 2.50 -5.19
C ILE A 15 9.13 2.98 -6.51
N SER A 16 10.46 3.03 -6.55
CA SER A 16 11.19 3.52 -7.74
C SER A 16 11.48 2.46 -8.81
N GLN A 17 11.52 1.19 -8.42
CA GLN A 17 11.86 0.10 -9.36
C GLN A 17 10.66 -0.40 -10.16
N ASN A 18 9.56 0.33 -10.14
CA ASN A 18 8.36 -0.07 -10.86
C ASN A 18 7.54 1.14 -11.31
N GLU A 19 6.76 0.95 -12.38
CA GLU A 19 5.93 2.03 -12.91
C GLU A 19 4.80 2.37 -11.95
N LEU A 20 4.10 1.35 -11.45
CA LEU A 20 3.02 1.60 -10.51
C LEU A 20 3.22 0.72 -9.28
N VAL A 21 3.14 1.33 -8.12
CA VAL A 21 3.32 0.59 -6.89
C VAL A 21 2.27 0.94 -5.86
N ILE A 22 1.56 -0.06 -5.38
CA ILE A 22 0.55 0.16 -4.35
C ILE A 22 1.03 -0.49 -3.08
N VAL A 23 1.07 0.31 -2.03
CA VAL A 23 1.54 -0.14 -0.73
C VAL A 23 0.57 0.28 0.35
N ASP A 24 0.36 -0.62 1.29
CA ASP A 24 -0.54 -0.34 2.38
C ASP A 24 0.22 0.02 3.64
N PHE A 25 0.16 1.27 4.01
CA PHE A 25 0.79 1.70 5.24
C PHE A 25 -0.27 1.39 6.29
N PHE A 26 0.04 0.42 7.16
CA PHE A 26 -0.95 -0.04 8.11
C PHE A 26 -0.25 -0.39 9.54
N ALA A 27 -0.95 -0.89 10.67
CA ALA A 27 -0.26 -1.24 11.90
C ALA A 27 -0.98 -2.50 12.49
N GLU A 28 -0.19 -3.44 12.99
CA GLU A 28 -0.63 -4.81 13.51
C GLU A 28 -1.79 -5.00 14.70
N TRP A 29 -2.50 -3.98 15.41
CA TRP A 29 -3.44 -4.27 16.59
C TRP A 29 -4.93 -3.87 16.17
N CYS A 30 -5.29 -3.42 14.86
CA CYS A 30 -6.67 -3.02 14.57
C CYS A 30 -7.45 -4.07 13.78
N GLY A 31 -8.77 -3.99 13.86
CA GLY A 31 -9.63 -4.91 13.13
C GLY A 31 -9.59 -4.69 11.62
N PRO A 32 -9.75 -3.43 11.15
CA PRO A 32 -9.74 -3.10 9.71
C PRO A 32 -8.45 -3.47 9.00
N CYS A 33 -7.31 -3.12 9.58
CA CYS A 33 -6.04 -3.43 8.94
C CYS A 33 -6.00 -4.89 8.50
N LYS A 34 -6.29 -5.80 9.42
CA LYS A 34 -6.31 -7.22 9.12
C LYS A 34 -7.48 -7.58 8.18
N ARG A 35 -8.59 -6.87 8.36
CA ARG A 35 -9.82 -7.09 7.59
C ARG A 35 -9.70 -6.65 6.13
N ILE A 36 -8.83 -5.70 5.86
CA ILE A 36 -8.66 -5.19 4.51
C ILE A 36 -7.72 -6.09 3.71
N ALA A 37 -6.87 -6.84 4.42
CA ALA A 37 -5.91 -7.73 3.80
C ALA A 37 -6.58 -8.80 2.91
N PRO A 38 -7.64 -9.47 3.41
CA PRO A 38 -8.34 -10.51 2.65
C PRO A 38 -8.76 -10.03 1.26
N PHE A 39 -9.34 -8.84 1.20
CA PHE A 39 -9.75 -8.28 -0.08
C PHE A 39 -8.55 -7.77 -0.85
N TYR A 40 -7.58 -7.27 -0.10
CA TYR A 40 -6.36 -6.75 -0.67
C TYR A 40 -5.64 -7.89 -1.41
N GLU A 41 -5.78 -9.09 -0.87
CA GLU A 41 -5.16 -10.27 -1.47
C GLU A 41 -5.80 -10.58 -2.84
N GLU A 42 -7.12 -10.45 -2.91
CA GLU A 42 -7.83 -10.72 -4.16
C GLU A 42 -7.39 -9.73 -5.24
N CYS A 43 -7.26 -8.48 -4.84
CA CYS A 43 -6.83 -7.39 -5.70
C CYS A 43 -5.41 -7.63 -6.24
N SER A 44 -4.58 -8.25 -5.42
CA SER A 44 -3.19 -8.52 -5.79
C SER A 44 -3.03 -9.60 -6.88
N LYS A 45 -4.02 -10.48 -7.04
CA LYS A 45 -3.89 -11.57 -8.04
C LYS A 45 -4.52 -11.25 -9.39
N THR A 46 -5.46 -10.32 -9.45
CA THR A 46 -6.10 -9.95 -10.72
C THR A 46 -5.47 -8.67 -11.28
N TYR A 47 -5.07 -7.83 -10.36
CA TYR A 47 -4.44 -6.55 -10.63
C TYR A 47 -2.92 -6.68 -10.76
N THR A 48 -2.43 -7.90 -10.99
CA THR A 48 -0.99 -8.19 -10.96
C THR A 48 -0.12 -7.31 -11.87
N LYS A 49 -0.69 -6.34 -12.58
CA LYS A 49 0.13 -5.43 -13.37
C LYS A 49 0.63 -4.27 -12.47
N MET A 50 0.29 -4.39 -11.17
CA MET A 50 0.66 -3.43 -10.13
C MET A 50 1.41 -4.19 -9.05
N VAL A 51 2.35 -3.52 -8.42
CA VAL A 51 3.14 -4.15 -7.38
C VAL A 51 2.53 -3.90 -6.00
N PHE A 52 2.26 -4.98 -5.27
CA PHE A 52 1.66 -4.87 -3.95
C PHE A 52 2.65 -5.18 -2.83
N ILE A 53 2.90 -4.18 -1.99
CA ILE A 53 3.80 -4.33 -0.84
C ILE A 53 3.20 -3.64 0.38
N LYS A 54 3.53 -4.11 1.58
CA LYS A 54 3.00 -3.50 2.79
C LYS A 54 4.14 -3.03 3.70
N VAL A 55 3.94 -1.89 4.35
CA VAL A 55 4.94 -1.33 5.23
C VAL A 55 4.30 -0.78 6.50
N ASP A 56 4.67 -1.37 7.63
CA ASP A 56 4.14 -0.96 8.93
C ASP A 56 4.83 0.30 9.42
N VAL A 57 4.15 1.04 10.28
CA VAL A 57 4.68 2.29 10.81
C VAL A 57 5.58 2.06 12.01
N ASP A 58 5.40 0.92 12.66
CA ASP A 58 6.18 0.59 13.86
C ASP A 58 7.62 0.18 13.52
N GLU A 59 7.76 -0.68 12.53
CA GLU A 59 9.08 -1.18 12.13
C GLU A 59 9.90 -0.09 11.43
N VAL A 60 9.26 0.64 10.52
CA VAL A 60 9.95 1.69 9.80
C VAL A 60 9.22 3.03 9.92
N SER A 61 9.34 3.65 11.09
CA SER A 61 8.71 4.94 11.34
C SER A 61 9.17 5.96 10.30
N GLU A 62 10.41 5.82 9.86
CA GLU A 62 10.98 6.72 8.86
C GLU A 62 10.13 6.76 7.61
N VAL A 63 9.43 5.65 7.34
CA VAL A 63 8.58 5.56 6.16
C VAL A 63 7.35 6.42 6.33
N THR A 64 6.78 6.40 7.53
CA THR A 64 5.61 7.19 7.84
C THR A 64 5.89 8.68 7.58
N GLU A 65 7.03 9.15 8.08
CA GLU A 65 7.44 10.53 7.89
C GLU A 65 7.85 10.77 6.45
N LYS A 66 8.49 9.77 5.86
CA LYS A 66 8.97 9.84 4.49
C LYS A 66 7.83 10.12 3.52
N GLU A 67 6.68 9.50 3.77
CA GLU A 67 5.51 9.69 2.92
C GLU A 67 4.52 10.68 3.53
N ASN A 68 4.95 11.41 4.54
CA ASN A 68 4.10 12.39 5.19
C ASN A 68 2.78 11.76 5.62
N ILE A 69 2.87 10.57 6.21
CA ILE A 69 1.69 9.84 6.67
C ILE A 69 1.16 10.43 7.96
N THR A 70 -0.13 10.79 7.97
CA THR A 70 -0.74 11.38 9.15
C THR A 70 -1.75 10.45 9.82
N SER A 71 -2.52 9.72 9.02
CA SER A 71 -3.53 8.81 9.57
C SER A 71 -3.61 7.47 8.83
N MET A 72 -3.89 6.41 9.58
CA MET A 72 -4.02 5.05 9.04
C MET A 72 -5.43 4.53 9.23
N PRO A 73 -5.85 3.52 8.42
CA PRO A 73 -5.04 2.95 7.34
C PRO A 73 -4.94 3.86 6.12
N THR A 74 -3.75 3.99 5.56
CA THR A 74 -3.56 4.82 4.37
C THR A 74 -3.08 3.97 3.19
N PHE A 75 -3.81 4.05 2.07
CA PHE A 75 -3.45 3.34 0.85
C PHE A 75 -3.11 4.34 -0.23
N LYS A 76 -1.88 4.32 -0.67
CA LYS A 76 -1.44 5.26 -1.70
C LYS A 76 -0.81 4.51 -2.86
N VAL A 77 -1.14 4.94 -4.07
CA VAL A 77 -0.60 4.33 -5.26
C VAL A 77 0.55 5.19 -5.76
N TYR A 78 1.66 4.55 -6.07
CA TYR A 78 2.83 5.29 -6.52
C TYR A 78 3.16 5.00 -7.97
N LYS A 79 3.24 6.05 -8.77
CA LYS A 79 3.56 5.93 -10.17
C LYS A 79 4.87 6.63 -10.48
N ASN A 80 5.68 5.95 -11.26
CA ASN A 80 6.99 6.45 -11.64
C ASN A 80 7.79 6.87 -10.41
N GLY A 81 7.61 6.12 -9.32
CA GLY A 81 8.33 6.39 -8.09
C GLY A 81 7.82 7.58 -7.31
N SER A 82 6.51 7.80 -7.28
CA SER A 82 5.96 8.91 -6.52
C SER A 82 4.46 8.79 -6.29
N SER A 83 3.88 9.83 -5.68
CA SER A 83 2.44 9.83 -5.36
C SER A 83 1.56 9.96 -6.60
N VAL A 84 0.36 9.38 -6.50
CA VAL A 84 -0.60 9.42 -7.59
C VAL A 84 -2.05 9.40 -7.06
N ASP A 85 -2.31 8.64 -5.99
CA ASP A 85 -3.65 8.57 -5.40
C ASP A 85 -3.59 8.23 -3.92
N THR A 86 -4.65 8.57 -3.19
CA THR A 86 -4.70 8.29 -1.75
C THR A 86 -6.08 7.78 -1.33
N LEU A 87 -6.10 6.77 -0.46
CA LEU A 87 -7.34 6.20 0.03
C LEU A 87 -7.34 6.16 1.56
N LEU A 88 -8.33 6.81 2.18
CA LEU A 88 -8.44 6.86 3.63
C LEU A 88 -9.30 5.72 4.16
N GLY A 89 -8.88 5.12 5.27
CA GLY A 89 -9.62 4.01 5.83
C GLY A 89 -9.57 2.81 4.92
N ALA A 90 -9.49 1.61 5.49
CA ALA A 90 -9.43 0.42 4.64
C ALA A 90 -10.82 -0.05 4.26
N ASN A 91 -11.16 0.15 2.99
CA ASN A 91 -12.42 -0.27 2.43
C ASN A 91 -12.16 -1.20 1.26
N ASP A 92 -12.77 -2.37 1.26
CA ASP A 92 -12.54 -3.31 0.15
C ASP A 92 -13.08 -2.73 -1.16
N SER A 93 -14.27 -2.14 -1.08
CA SER A 93 -14.92 -1.53 -2.25
C SER A 93 -14.24 -0.25 -2.70
N ALA A 94 -13.78 0.55 -1.74
CA ALA A 94 -13.15 1.82 -2.05
C ALA A 94 -11.81 1.58 -2.70
N LEU A 95 -11.08 0.64 -2.16
CA LEU A 95 -9.81 0.29 -2.71
C LEU A 95 -10.01 -0.37 -4.06
N LYS A 96 -11.13 -1.06 -4.21
CA LYS A 96 -11.44 -1.74 -5.44
C LYS A 96 -11.39 -0.75 -6.59
N GLN A 97 -12.10 0.37 -6.41
CA GLN A 97 -12.13 1.40 -7.41
C GLN A 97 -10.79 2.15 -7.49
N LEU A 98 -10.10 2.29 -6.36
CA LEU A 98 -8.82 2.98 -6.35
C LEU A 98 -7.76 2.16 -7.08
N ILE A 99 -7.68 0.88 -6.71
CA ILE A 99 -6.75 -0.05 -7.30
C ILE A 99 -7.13 -0.35 -8.74
N GLU A 100 -8.41 -0.35 -9.01
CA GLU A 100 -8.92 -0.59 -10.36
C GLU A 100 -8.51 0.52 -11.33
N LYS A 101 -8.44 1.74 -10.84
CA LYS A 101 -8.13 2.89 -11.67
C LYS A 101 -6.72 2.87 -12.25
N TYR A 102 -5.74 2.55 -11.42
CA TYR A 102 -4.35 2.54 -11.87
C TYR A 102 -3.90 1.13 -12.18
N ALA A 103 -4.60 0.17 -11.63
CA ALA A 103 -4.27 -1.22 -11.85
C ALA A 103 -5.25 -1.87 -12.80
N ALA A 104 -6.52 -1.53 -12.66
CA ALA A 104 -7.54 -2.10 -13.54
C ALA A 104 -7.88 -1.16 -14.68
N SER A 1 -0.07 -12.12 -3.86
CA SER A 1 0.74 -12.25 -2.63
C SER A 1 1.33 -10.90 -2.22
N VAL A 2 0.71 -10.27 -1.23
CA VAL A 2 1.18 -8.98 -0.73
C VAL A 2 2.60 -9.12 -0.18
N LYS A 3 3.46 -8.14 -0.49
CA LYS A 3 4.84 -8.16 -0.05
C LYS A 3 5.04 -7.31 1.20
N ILE A 4 5.86 -7.81 2.10
CA ILE A 4 6.15 -7.10 3.33
C ILE A 4 7.61 -6.64 3.36
N VAL A 5 7.82 -5.33 3.29
CA VAL A 5 9.17 -4.80 3.30
C VAL A 5 9.48 -4.18 4.67
N THR A 6 10.52 -4.70 5.33
CA THR A 6 10.90 -4.24 6.66
C THR A 6 11.99 -3.17 6.64
N SER A 7 12.54 -2.86 5.47
CA SER A 7 13.58 -1.84 5.39
C SER A 7 13.02 -0.52 4.88
N GLN A 8 13.66 0.58 5.28
CA GLN A 8 13.21 1.90 4.85
C GLN A 8 13.55 2.15 3.38
N SER A 9 14.81 1.91 3.03
CA SER A 9 15.27 2.10 1.66
C SER A 9 14.58 1.10 0.74
N GLU A 10 14.38 -0.12 1.25
CA GLU A 10 13.72 -1.16 0.48
C GLU A 10 12.31 -0.71 0.12
N PHE A 11 11.67 -0.02 1.06
CA PHE A 11 10.33 0.50 0.85
C PHE A 11 10.35 1.53 -0.27
N ASP A 12 11.27 2.47 -0.14
CA ASP A 12 11.43 3.53 -1.13
C ASP A 12 11.92 2.94 -2.45
N SER A 13 12.71 1.89 -2.34
CA SER A 13 13.28 1.24 -3.50
C SER A 13 12.20 0.61 -4.37
N ILE A 14 11.27 -0.07 -3.72
CA ILE A 14 10.17 -0.70 -4.44
C ILE A 14 9.38 0.36 -5.21
N ILE A 15 9.26 1.51 -4.58
CA ILE A 15 8.51 2.63 -5.16
C ILE A 15 9.15 3.11 -6.47
N SER A 16 10.49 3.16 -6.50
CA SER A 16 11.26 3.64 -7.65
C SER A 16 11.55 2.58 -8.73
N GLN A 17 11.56 1.31 -8.35
CA GLN A 17 11.90 0.22 -9.29
C GLN A 17 10.72 -0.26 -10.12
N ASN A 18 9.64 0.48 -10.12
CA ASN A 18 8.45 0.08 -10.86
C ASN A 18 7.64 1.30 -11.31
N GLU A 19 6.89 1.13 -12.40
CA GLU A 19 6.07 2.20 -12.95
C GLU A 19 4.94 2.53 -12.01
N LEU A 20 4.25 1.51 -11.51
CA LEU A 20 3.16 1.73 -10.59
C LEU A 20 3.37 0.89 -9.35
N VAL A 21 3.29 1.51 -8.19
CA VAL A 21 3.49 0.78 -6.96
C VAL A 21 2.46 1.14 -5.92
N ILE A 22 1.70 0.15 -5.47
CA ILE A 22 0.71 0.38 -4.44
C ILE A 22 1.12 -0.34 -3.19
N VAL A 23 1.18 0.40 -2.13
CA VAL A 23 1.59 -0.14 -0.84
C VAL A 23 0.61 0.25 0.23
N ASP A 24 0.36 -0.67 1.13
CA ASP A 24 -0.56 -0.42 2.20
C ASP A 24 0.17 -0.17 3.50
N PHE A 25 0.09 1.07 3.96
CA PHE A 25 0.69 1.44 5.22
C PHE A 25 -0.39 1.06 6.23
N PHE A 26 -0.09 0.07 7.07
CA PHE A 26 -1.10 -0.46 7.98
C PHE A 26 -0.50 -0.66 9.47
N ALA A 27 -1.25 -1.17 10.57
CA ALA A 27 -0.64 -1.37 11.87
C ALA A 27 -1.29 -2.66 12.49
N GLU A 28 -0.44 -3.54 13.04
CA GLU A 28 -0.81 -4.91 13.61
C GLU A 28 -1.99 -5.13 14.77
N TRP A 29 -2.76 -4.11 15.44
CA TRP A 29 -3.71 -4.42 16.60
C TRP A 29 -5.20 -4.08 16.14
N CYS A 30 -5.53 -3.64 14.81
CA CYS A 30 -6.92 -3.30 14.49
C CYS A 30 -7.65 -4.37 13.70
N GLY A 31 -8.98 -4.35 13.78
CA GLY A 31 -9.80 -5.29 13.04
C GLY A 31 -9.77 -5.05 11.54
N PRO A 32 -9.97 -3.79 11.08
CA PRO A 32 -9.98 -3.43 9.65
C PRO A 32 -8.68 -3.76 8.93
N CYS A 33 -7.54 -3.38 9.53
CA CYS A 33 -6.27 -3.64 8.88
C CYS A 33 -6.18 -5.10 8.42
N LYS A 34 -6.43 -6.02 9.34
CA LYS A 34 -6.43 -7.45 9.01
C LYS A 34 -7.60 -7.82 8.09
N ARG A 35 -8.72 -7.14 8.30
CA ARG A 35 -9.96 -7.40 7.54
C ARG A 35 -9.87 -6.96 6.08
N ILE A 36 -9.04 -5.98 5.80
CA ILE A 36 -8.89 -5.47 4.45
C ILE A 36 -7.92 -6.32 3.63
N ALA A 37 -7.11 -7.14 4.32
CA ALA A 37 -6.14 -8.01 3.68
C ALA A 37 -6.79 -9.02 2.73
N PRO A 38 -7.86 -9.70 3.17
CA PRO A 38 -8.55 -10.71 2.35
C PRO A 38 -8.92 -10.17 0.97
N PHE A 39 -9.49 -8.98 0.93
CA PHE A 39 -9.86 -8.36 -0.34
C PHE A 39 -8.62 -7.83 -1.03
N TYR A 40 -7.69 -7.36 -0.22
CA TYR A 40 -6.43 -6.83 -0.71
C TYR A 40 -5.68 -7.94 -1.44
N GLU A 41 -5.82 -9.16 -0.94
CA GLU A 41 -5.17 -10.32 -1.54
C GLU A 41 -5.78 -10.64 -2.92
N GLU A 42 -7.11 -10.60 -3.00
CA GLU A 42 -7.80 -10.89 -4.25
C GLU A 42 -7.39 -9.89 -5.34
N CYS A 43 -7.31 -8.63 -4.93
CA CYS A 43 -6.93 -7.53 -5.82
C CYS A 43 -5.51 -7.73 -6.34
N SER A 44 -4.64 -8.30 -5.52
CA SER A 44 -3.25 -8.54 -5.90
C SER A 44 -3.11 -9.63 -6.97
N LYS A 45 -4.10 -10.50 -7.07
CA LYS A 45 -4.06 -11.61 -8.02
C LYS A 45 -4.49 -11.23 -9.45
N THR A 46 -5.42 -10.29 -9.58
CA THR A 46 -5.92 -9.87 -10.88
C THR A 46 -5.24 -8.59 -11.35
N TYR A 47 -4.87 -7.77 -10.38
CA TYR A 47 -4.23 -6.48 -10.60
C TYR A 47 -2.70 -6.61 -10.70
N THR A 48 -2.20 -7.82 -10.94
CA THR A 48 -0.75 -8.07 -10.92
C THR A 48 0.07 -7.17 -11.85
N LYS A 49 -0.54 -6.22 -12.54
CA LYS A 49 0.22 -5.28 -13.37
C LYS A 49 0.83 -4.22 -12.45
N MET A 50 0.19 -4.04 -11.29
CA MET A 50 0.62 -3.10 -10.23
C MET A 50 1.29 -3.91 -9.15
N VAL A 51 2.24 -3.31 -8.50
CA VAL A 51 3.00 -3.99 -7.48
C VAL A 51 2.40 -3.77 -6.09
N PHE A 52 2.16 -4.87 -5.37
CA PHE A 52 1.57 -4.80 -4.04
C PHE A 52 2.57 -5.10 -2.94
N ILE A 53 2.80 -4.12 -2.10
CA ILE A 53 3.70 -4.27 -0.97
C ILE A 53 3.01 -3.81 0.32
N LYS A 54 3.58 -4.19 1.46
CA LYS A 54 3.04 -3.82 2.76
C LYS A 54 4.15 -3.24 3.62
N VAL A 55 3.91 -2.06 4.14
CA VAL A 55 4.89 -1.39 4.97
C VAL A 55 4.21 -0.89 6.24
N ASP A 56 4.64 -1.42 7.37
CA ASP A 56 4.09 -1.05 8.66
C ASP A 56 4.75 0.20 9.21
N VAL A 57 4.09 0.83 10.17
CA VAL A 57 4.62 2.04 10.78
C VAL A 57 5.65 1.69 11.84
N ASP A 58 5.45 0.54 12.46
CA ASP A 58 6.34 0.05 13.51
C ASP A 58 7.63 -0.48 12.92
N GLU A 59 7.56 -0.98 11.68
CA GLU A 59 8.73 -1.53 11.02
C GLU A 59 9.71 -0.43 10.62
N VAL A 60 9.18 0.73 10.26
CA VAL A 60 10.02 1.86 9.87
C VAL A 60 9.26 3.18 9.97
N SER A 61 9.42 3.86 11.10
CA SER A 61 8.76 5.15 11.33
C SER A 61 9.14 6.14 10.24
N GLU A 62 10.36 6.03 9.74
CA GLU A 62 10.86 6.92 8.71
C GLU A 62 9.94 6.89 7.48
N VAL A 63 9.30 5.76 7.27
CA VAL A 63 8.38 5.60 6.14
C VAL A 63 7.14 6.44 6.35
N THR A 64 6.72 6.53 7.60
CA THR A 64 5.54 7.30 7.96
C THR A 64 5.78 8.80 7.76
N GLU A 65 6.97 9.27 8.14
CA GLU A 65 7.33 10.68 8.02
C GLU A 65 7.55 11.10 6.57
N LYS A 66 8.33 10.33 5.83
CA LYS A 66 8.64 10.65 4.44
C LYS A 66 7.38 10.75 3.58
N GLU A 67 6.35 9.99 3.93
CA GLU A 67 5.10 10.02 3.19
C GLU A 67 4.09 10.88 3.92
N ASN A 68 4.53 11.50 5.00
CA ASN A 68 3.69 12.37 5.81
C ASN A 68 2.39 11.65 6.20
N ILE A 69 2.52 10.38 6.50
CA ILE A 69 1.39 9.56 6.90
C ILE A 69 0.75 10.13 8.17
N THR A 70 -0.50 10.57 8.06
CA THR A 70 -1.20 11.17 9.19
C THR A 70 -2.32 10.29 9.73
N SER A 71 -3.06 9.64 8.84
CA SER A 71 -4.19 8.80 9.27
C SER A 71 -4.10 7.37 8.74
N MET A 72 -4.40 6.41 9.62
CA MET A 72 -4.36 4.99 9.28
C MET A 72 -5.76 4.37 9.39
N PRO A 73 -6.05 3.32 8.61
CA PRO A 73 -5.13 2.75 7.61
C PRO A 73 -5.01 3.63 6.37
N THR A 74 -3.87 3.57 5.68
CA THR A 74 -3.67 4.36 4.47
C THR A 74 -3.14 3.51 3.31
N PHE A 75 -3.74 3.68 2.13
CA PHE A 75 -3.32 2.98 0.91
C PHE A 75 -2.87 4.01 -0.12
N LYS A 76 -1.59 3.96 -0.48
CA LYS A 76 -1.05 4.91 -1.44
C LYS A 76 -0.54 4.21 -2.68
N VAL A 77 -0.80 4.83 -3.82
CA VAL A 77 -0.33 4.31 -5.09
C VAL A 77 0.75 5.24 -5.61
N TYR A 78 1.82 4.67 -6.11
CA TYR A 78 2.93 5.46 -6.58
C TYR A 78 3.21 5.22 -8.07
N LYS A 79 3.34 6.31 -8.81
CA LYS A 79 3.62 6.24 -10.24
C LYS A 79 4.95 6.91 -10.54
N ASN A 80 5.80 6.18 -11.24
CA ASN A 80 7.12 6.67 -11.59
C ASN A 80 7.93 7.04 -10.34
N GLY A 81 7.73 6.27 -9.27
CA GLY A 81 8.46 6.51 -8.04
C GLY A 81 7.97 7.70 -7.24
N SER A 82 6.67 7.98 -7.29
CA SER A 82 6.14 9.10 -6.53
C SER A 82 4.67 8.90 -6.22
N SER A 83 4.11 9.80 -5.42
CA SER A 83 2.70 9.70 -5.04
C SER A 83 1.80 9.98 -6.24
N VAL A 84 0.75 9.18 -6.38
CA VAL A 84 -0.17 9.34 -7.49
C VAL A 84 -1.62 9.45 -7.00
N ASP A 85 -1.99 8.58 -6.08
CA ASP A 85 -3.33 8.60 -5.51
C ASP A 85 -3.32 8.01 -4.10
N THR A 86 -4.14 8.56 -3.21
CA THR A 86 -4.18 8.09 -1.84
C THR A 86 -5.59 7.71 -1.39
N LEU A 87 -5.68 6.63 -0.60
CA LEU A 87 -6.97 6.17 -0.09
C LEU A 87 -6.96 6.12 1.44
N LEU A 88 -7.93 6.80 2.05
CA LEU A 88 -8.03 6.86 3.51
C LEU A 88 -8.93 5.74 4.04
N GLY A 89 -8.51 5.13 5.15
CA GLY A 89 -9.27 4.03 5.72
C GLY A 89 -9.24 2.84 4.79
N ALA A 90 -9.34 1.63 5.35
CA ALA A 90 -9.29 0.45 4.50
C ALA A 90 -10.67 -0.13 4.26
N ASN A 91 -11.16 0.06 3.05
CA ASN A 91 -12.44 -0.47 2.62
C ASN A 91 -12.20 -1.32 1.39
N ASP A 92 -12.83 -2.47 1.30
CA ASP A 92 -12.62 -3.34 0.14
C ASP A 92 -13.11 -2.67 -1.14
N SER A 93 -14.29 -2.05 -1.06
CA SER A 93 -14.91 -1.37 -2.20
C SER A 93 -14.20 -0.08 -2.62
N ALA A 94 -13.74 0.69 -1.65
CA ALA A 94 -13.09 1.96 -1.94
C ALA A 94 -11.79 1.71 -2.65
N LEU A 95 -11.11 0.68 -2.20
CA LEU A 95 -9.88 0.29 -2.81
C LEU A 95 -10.16 -0.38 -4.14
N LYS A 96 -11.31 -1.04 -4.23
CA LYS A 96 -11.68 -1.71 -5.47
C LYS A 96 -11.63 -0.71 -6.61
N GLN A 97 -12.19 0.46 -6.34
CA GLN A 97 -12.20 1.54 -7.31
C GLN A 97 -10.80 2.17 -7.48
N LEU A 98 -10.11 2.38 -6.35
CA LEU A 98 -8.80 3.00 -6.38
C LEU A 98 -7.74 2.12 -7.05
N ILE A 99 -7.70 0.86 -6.63
CA ILE A 99 -6.73 -0.09 -7.15
C ILE A 99 -7.04 -0.42 -8.61
N GLU A 100 -8.30 -0.48 -8.94
CA GLU A 100 -8.73 -0.77 -10.30
C GLU A 100 -8.35 0.32 -11.29
N LYS A 101 -8.35 1.56 -10.85
CA LYS A 101 -8.09 2.69 -11.71
C LYS A 101 -6.66 2.74 -12.24
N TYR A 102 -5.71 2.51 -11.36
CA TYR A 102 -4.31 2.55 -11.74
C TYR A 102 -3.78 1.16 -12.02
N ALA A 103 -4.36 0.20 -11.33
CA ALA A 103 -3.93 -1.17 -11.47
C ALA A 103 -4.82 -1.93 -12.44
N ALA A 104 -6.13 -1.63 -12.40
CA ALA A 104 -7.04 -2.31 -13.31
C ALA A 104 -7.45 -1.41 -14.47
N SER A 1 0.40 -12.59 -4.25
CA SER A 1 0.88 -12.57 -2.85
C SER A 1 1.38 -11.18 -2.44
N VAL A 2 0.65 -10.55 -1.53
CA VAL A 2 1.03 -9.22 -1.06
C VAL A 2 2.38 -9.30 -0.33
N LYS A 3 3.26 -8.35 -0.62
CA LYS A 3 4.62 -8.32 -0.07
C LYS A 3 4.75 -7.40 1.13
N ILE A 4 5.51 -7.86 2.12
CA ILE A 4 5.77 -7.07 3.33
C ILE A 4 7.25 -6.69 3.38
N VAL A 5 7.53 -5.39 3.42
CA VAL A 5 8.91 -4.93 3.45
C VAL A 5 9.27 -4.35 4.82
N THR A 6 10.39 -4.80 5.38
CA THR A 6 10.82 -4.36 6.71
C THR A 6 11.96 -3.34 6.69
N SER A 7 12.28 -2.79 5.53
CA SER A 7 13.36 -1.80 5.44
C SER A 7 12.86 -0.49 4.85
N GLN A 8 13.51 0.61 5.21
CA GLN A 8 13.13 1.92 4.71
C GLN A 8 13.51 2.09 3.24
N SER A 9 14.75 1.78 2.92
CA SER A 9 15.25 1.88 1.54
C SER A 9 14.56 0.83 0.68
N GLU A 10 14.38 -0.36 1.21
CA GLU A 10 13.72 -1.44 0.48
C GLU A 10 12.31 -0.99 0.11
N PHE A 11 11.70 -0.20 1.00
CA PHE A 11 10.37 0.32 0.77
C PHE A 11 10.40 1.31 -0.38
N ASP A 12 11.33 2.25 -0.28
CA ASP A 12 11.51 3.26 -1.32
C ASP A 12 11.99 2.62 -2.61
N SER A 13 12.73 1.51 -2.47
CA SER A 13 13.26 0.80 -3.61
C SER A 13 12.13 0.22 -4.44
N ILE A 14 11.17 -0.39 -3.76
CA ILE A 14 10.03 -0.98 -4.44
C ILE A 14 9.28 0.09 -5.23
N ILE A 15 9.21 1.28 -4.64
CA ILE A 15 8.51 2.41 -5.24
C ILE A 15 9.13 2.84 -6.57
N SER A 16 10.46 2.86 -6.61
CA SER A 16 11.21 3.31 -7.80
C SER A 16 11.47 2.22 -8.85
N GLN A 17 11.48 0.96 -8.43
CA GLN A 17 11.79 -0.16 -9.34
C GLN A 17 10.58 -0.65 -10.12
N ASN A 18 9.51 0.12 -10.11
CA ASN A 18 8.28 -0.26 -10.80
C ASN A 18 7.51 0.97 -11.25
N GLU A 19 6.76 0.84 -12.33
CA GLU A 19 5.96 1.94 -12.85
C GLU A 19 4.83 2.29 -11.91
N LEU A 20 4.12 1.27 -11.42
CA LEU A 20 3.02 1.50 -10.52
C LEU A 20 3.19 0.64 -9.28
N VAL A 21 3.09 1.25 -8.10
CA VAL A 21 3.23 0.49 -6.87
C VAL A 21 2.19 0.86 -5.84
N ILE A 22 1.51 -0.16 -5.34
CA ILE A 22 0.49 0.08 -4.32
C ILE A 22 0.95 -0.53 -3.01
N VAL A 23 0.95 0.32 -1.99
CA VAL A 23 1.37 -0.08 -0.67
C VAL A 23 0.34 0.26 0.36
N ASP A 24 0.14 -0.65 1.28
CA ASP A 24 -0.77 -0.40 2.36
C ASP A 24 0.01 -0.02 3.59
N PHE A 25 0.00 1.26 3.94
CA PHE A 25 0.67 1.71 5.13
C PHE A 25 -0.32 1.41 6.21
N PHE A 26 0.03 0.44 7.03
CA PHE A 26 -0.91 -0.06 8.01
C PHE A 26 -0.20 -0.36 9.43
N ALA A 27 -0.88 -0.90 10.57
CA ALA A 27 -0.18 -1.20 11.81
C ALA A 27 -0.83 -2.51 12.39
N GLU A 28 0.01 -3.41 12.88
CA GLU A 28 -0.36 -4.80 13.39
C GLU A 28 -1.51 -5.06 14.58
N TRP A 29 -2.26 -4.08 15.31
CA TRP A 29 -3.18 -4.43 16.49
C TRP A 29 -4.68 -4.08 16.07
N CYS A 30 -5.06 -3.63 14.76
CA CYS A 30 -6.45 -3.29 14.48
C CYS A 30 -7.19 -4.36 13.68
N GLY A 31 -8.51 -4.35 13.78
CA GLY A 31 -9.33 -5.29 13.04
C GLY A 31 -9.32 -5.05 11.54
N PRO A 32 -9.54 -3.79 11.10
CA PRO A 32 -9.56 -3.43 9.66
C PRO A 32 -8.27 -3.74 8.93
N CYS A 33 -7.13 -3.35 9.51
CA CYS A 33 -5.86 -3.58 8.85
C CYS A 33 -5.76 -5.03 8.38
N LYS A 34 -5.98 -5.97 9.30
CA LYS A 34 -5.95 -7.40 8.97
C LYS A 34 -7.12 -7.79 8.05
N ARG A 35 -8.26 -7.13 8.27
CA ARG A 35 -9.50 -7.40 7.53
C ARG A 35 -9.42 -6.95 6.07
N ILE A 36 -8.60 -5.96 5.80
CA ILE A 36 -8.47 -5.44 4.45
C ILE A 36 -7.50 -6.28 3.62
N ALA A 37 -6.69 -7.09 4.30
CA ALA A 37 -5.74 -7.96 3.64
C ALA A 37 -6.40 -9.01 2.75
N PRO A 38 -7.44 -9.72 3.25
CA PRO A 38 -8.13 -10.76 2.47
C PRO A 38 -8.60 -10.25 1.11
N PHE A 39 -9.14 -9.04 1.08
CA PHE A 39 -9.58 -8.46 -0.18
C PHE A 39 -8.37 -7.99 -0.96
N TYR A 40 -7.40 -7.51 -0.22
CA TYR A 40 -6.17 -7.01 -0.82
C TYR A 40 -5.51 -8.14 -1.60
N GLU A 41 -5.63 -9.36 -1.09
CA GLU A 41 -5.07 -10.52 -1.77
C GLU A 41 -5.81 -10.82 -3.08
N GLU A 42 -7.10 -10.50 -3.11
CA GLU A 42 -7.93 -10.75 -4.30
C GLU A 42 -7.51 -9.82 -5.45
N CYS A 43 -7.35 -8.55 -5.13
CA CYS A 43 -6.96 -7.55 -6.12
C CYS A 43 -5.59 -7.88 -6.71
N SER A 44 -4.72 -8.44 -5.88
CA SER A 44 -3.36 -8.78 -6.29
C SER A 44 -3.31 -9.79 -7.44
N LYS A 45 -4.32 -10.63 -7.59
CA LYS A 45 -4.30 -11.64 -8.67
C LYS A 45 -4.88 -11.14 -9.99
N THR A 46 -5.77 -10.15 -9.94
CA THR A 46 -6.37 -9.60 -11.16
C THR A 46 -5.67 -8.30 -11.56
N TYR A 47 -5.25 -7.58 -10.54
CA TYR A 47 -4.55 -6.30 -10.65
C TYR A 47 -3.04 -6.50 -10.76
N THR A 48 -2.60 -7.71 -11.08
CA THR A 48 -1.18 -8.05 -11.12
C THR A 48 -0.34 -7.14 -12.02
N LYS A 49 -0.97 -6.14 -12.64
CA LYS A 49 -0.22 -5.17 -13.45
C LYS A 49 0.37 -4.10 -12.52
N MET A 50 -0.01 -4.21 -11.23
CA MET A 50 0.42 -3.32 -10.16
C MET A 50 1.17 -4.13 -9.12
N VAL A 51 2.20 -3.55 -8.51
CA VAL A 51 2.95 -4.28 -7.48
C VAL A 51 2.41 -3.97 -6.10
N PHE A 52 2.04 -5.02 -5.39
CA PHE A 52 1.49 -4.88 -4.05
C PHE A 52 2.51 -5.21 -2.96
N ILE A 53 2.70 -4.28 -2.03
CA ILE A 53 3.61 -4.49 -0.91
C ILE A 53 3.03 -3.83 0.36
N LYS A 54 3.49 -4.25 1.54
CA LYS A 54 3.00 -3.69 2.80
C LYS A 54 4.14 -3.08 3.58
N VAL A 55 3.88 -1.94 4.20
CA VAL A 55 4.89 -1.28 4.99
C VAL A 55 4.25 -0.75 6.27
N ASP A 56 4.71 -1.29 7.39
CA ASP A 56 4.20 -0.91 8.70
C ASP A 56 4.87 0.35 9.21
N VAL A 57 4.19 1.06 10.10
CA VAL A 57 4.70 2.30 10.64
C VAL A 57 5.64 2.06 11.83
N ASP A 58 5.51 0.90 12.45
CA ASP A 58 6.33 0.55 13.61
C ASP A 58 7.76 0.19 13.23
N GLU A 59 7.91 -0.64 12.21
CA GLU A 59 9.22 -1.09 11.77
C GLU A 59 10.00 0.03 11.09
N VAL A 60 9.35 0.79 10.22
CA VAL A 60 10.01 1.87 9.52
C VAL A 60 9.30 3.20 9.73
N SER A 61 9.55 3.81 10.90
CA SER A 61 8.94 5.09 11.23
C SER A 61 9.36 6.15 10.22
N GLU A 62 10.58 6.03 9.72
CA GLU A 62 11.11 6.97 8.73
C GLU A 62 10.22 6.98 7.49
N VAL A 63 9.59 5.86 7.21
CA VAL A 63 8.71 5.73 6.06
C VAL A 63 7.47 6.58 6.26
N THR A 64 6.95 6.57 7.48
CA THR A 64 5.78 7.36 7.82
C THR A 64 6.04 8.83 7.54
N GLU A 65 7.19 9.31 7.98
CA GLU A 65 7.58 10.70 7.76
C GLU A 65 7.94 10.92 6.29
N LYS A 66 8.48 9.89 5.66
CA LYS A 66 8.90 9.97 4.26
C LYS A 66 7.72 10.35 3.36
N GLU A 67 6.57 9.77 3.63
CA GLU A 67 5.37 10.02 2.84
C GLU A 67 4.40 10.94 3.57
N ASN A 68 4.86 11.60 4.63
CA ASN A 68 4.01 12.50 5.40
C ASN A 68 2.72 11.81 5.81
N ILE A 69 2.85 10.57 6.29
CA ILE A 69 1.70 9.78 6.72
C ILE A 69 1.03 10.44 7.93
N THR A 70 -0.20 10.91 7.74
CA THR A 70 -0.93 11.58 8.81
C THR A 70 -2.11 10.76 9.33
N SER A 71 -2.82 10.09 8.44
CA SER A 71 -3.99 9.29 8.84
C SER A 71 -3.89 7.84 8.39
N MET A 72 -4.10 6.91 9.33
CA MET A 72 -4.05 5.48 9.05
C MET A 72 -5.41 4.83 9.28
N PRO A 73 -5.71 3.73 8.56
CA PRO A 73 -4.82 3.14 7.55
C PRO A 73 -4.76 3.96 6.27
N THR A 74 -3.59 4.05 5.64
CA THR A 74 -3.43 4.81 4.40
C THR A 74 -2.96 3.91 3.25
N PHE A 75 -3.71 3.94 2.14
CA PHE A 75 -3.36 3.18 0.95
C PHE A 75 -2.93 4.14 -0.14
N LYS A 76 -1.68 4.06 -0.56
CA LYS A 76 -1.18 4.97 -1.58
C LYS A 76 -0.61 4.21 -2.78
N VAL A 77 -0.91 4.73 -3.97
CA VAL A 77 -0.40 4.15 -5.19
C VAL A 77 0.71 5.04 -5.74
N TYR A 78 1.80 4.44 -6.16
CA TYR A 78 2.94 5.21 -6.64
C TYR A 78 3.18 4.99 -8.12
N LYS A 79 3.32 6.10 -8.84
CA LYS A 79 3.57 6.06 -10.27
C LYS A 79 4.90 6.69 -10.60
N ASN A 80 5.72 5.97 -11.34
CA ASN A 80 7.04 6.44 -11.73
C ASN A 80 7.89 6.78 -10.50
N GLY A 81 7.72 6.01 -9.42
CA GLY A 81 8.50 6.24 -8.22
C GLY A 81 8.03 7.44 -7.42
N SER A 82 6.73 7.70 -7.40
CA SER A 82 6.20 8.82 -6.65
C SER A 82 4.74 8.58 -6.29
N SER A 83 4.22 9.37 -5.34
CA SER A 83 2.85 9.21 -4.90
C SER A 83 1.88 9.66 -5.98
N VAL A 84 0.83 8.87 -6.22
CA VAL A 84 -0.14 9.18 -7.24
C VAL A 84 -1.55 9.32 -6.66
N ASP A 85 -1.86 8.54 -5.62
CA ASP A 85 -3.18 8.61 -4.99
C ASP A 85 -3.12 8.18 -3.53
N THR A 86 -4.15 8.54 -2.77
CA THR A 86 -4.24 8.19 -1.37
C THR A 86 -5.64 7.74 -1.00
N LEU A 87 -5.73 6.68 -0.19
CA LEU A 87 -7.02 6.15 0.24
C LEU A 87 -7.07 6.03 1.76
N LEU A 88 -8.06 6.70 2.36
CA LEU A 88 -8.23 6.69 3.82
C LEU A 88 -9.18 5.58 4.26
N GLY A 89 -8.81 4.91 5.35
CA GLY A 89 -9.64 3.82 5.84
C GLY A 89 -9.61 2.65 4.88
N ALA A 90 -9.22 1.48 5.36
CA ALA A 90 -9.14 0.32 4.49
C ALA A 90 -10.51 -0.28 4.23
N ASN A 91 -10.99 -0.09 3.01
CA ASN A 91 -12.27 -0.64 2.57
C ASN A 91 -12.00 -1.51 1.34
N ASP A 92 -12.63 -2.68 1.28
CA ASP A 92 -12.40 -3.58 0.14
C ASP A 92 -12.90 -2.95 -1.16
N SER A 93 -14.10 -2.35 -1.08
CA SER A 93 -14.74 -1.71 -2.23
C SER A 93 -14.07 -0.39 -2.64
N ALA A 94 -13.64 0.38 -1.64
CA ALA A 94 -13.03 1.69 -1.90
C ALA A 94 -11.68 1.53 -2.54
N LEU A 95 -11.01 0.46 -2.18
CA LEU A 95 -9.72 0.18 -2.74
C LEU A 95 -9.89 -0.46 -4.10
N LYS A 96 -10.97 -1.21 -4.27
CA LYS A 96 -11.21 -1.87 -5.53
C LYS A 96 -11.18 -0.83 -6.63
N GLN A 97 -11.91 0.26 -6.41
CA GLN A 97 -11.95 1.35 -7.38
C GLN A 97 -10.62 2.13 -7.41
N LEU A 98 -9.94 2.28 -6.26
CA LEU A 98 -8.68 3.00 -6.24
C LEU A 98 -7.61 2.22 -7.00
N ILE A 99 -7.52 0.94 -6.65
CA ILE A 99 -6.58 0.03 -7.25
C ILE A 99 -6.96 -0.26 -8.71
N GLU A 100 -8.25 -0.27 -8.96
CA GLU A 100 -8.77 -0.48 -10.31
C GLU A 100 -8.38 0.66 -11.24
N LYS A 101 -8.31 1.86 -10.69
CA LYS A 101 -8.02 3.05 -11.47
C LYS A 101 -6.63 3.02 -12.11
N TYR A 102 -5.64 2.63 -11.32
CA TYR A 102 -4.28 2.60 -11.79
C TYR A 102 -3.88 1.19 -12.18
N ALA A 103 -4.52 0.21 -11.57
CA ALA A 103 -4.23 -1.18 -11.85
C ALA A 103 -5.25 -1.77 -12.80
N ALA A 104 -6.49 -1.38 -12.67
CA ALA A 104 -7.53 -1.89 -13.55
C ALA A 104 -7.88 -0.89 -14.65
N SER A 1 0.78 -11.74 -4.44
CA SER A 1 1.35 -11.98 -3.09
C SER A 1 1.56 -10.68 -2.34
N VAL A 2 0.65 -10.35 -1.43
CA VAL A 2 0.80 -9.14 -0.62
C VAL A 2 2.09 -9.25 0.16
N LYS A 3 3.11 -8.51 -0.29
CA LYS A 3 4.43 -8.56 0.29
C LYS A 3 4.67 -7.42 1.27
N ILE A 4 5.20 -7.77 2.44
CA ILE A 4 5.51 -6.78 3.46
C ILE A 4 7.01 -6.52 3.52
N VAL A 5 7.40 -5.26 3.38
CA VAL A 5 8.80 -4.87 3.39
C VAL A 5 9.20 -4.32 4.76
N THR A 6 10.28 -4.88 5.32
CA THR A 6 10.74 -4.49 6.65
C THR A 6 11.88 -3.47 6.63
N SER A 7 12.35 -3.09 5.44
CA SER A 7 13.44 -2.13 5.34
C SER A 7 12.95 -0.79 4.79
N GLN A 8 13.64 0.28 5.16
CA GLN A 8 13.27 1.62 4.70
C GLN A 8 13.60 1.80 3.23
N SER A 9 14.83 1.46 2.85
CA SER A 9 15.27 1.59 1.46
C SER A 9 14.48 0.64 0.58
N GLU A 10 14.17 -0.54 1.13
CA GLU A 10 13.42 -1.53 0.39
C GLU A 10 12.03 -0.97 0.06
N PHE A 11 11.46 -0.24 1.02
CA PHE A 11 10.16 0.36 0.82
C PHE A 11 10.22 1.38 -0.31
N ASP A 12 11.19 2.28 -0.20
CA ASP A 12 11.39 3.31 -1.21
C ASP A 12 11.86 2.69 -2.52
N SER A 13 12.57 1.56 -2.41
CA SER A 13 13.08 0.88 -3.57
C SER A 13 11.94 0.32 -4.41
N ILE A 14 10.95 -0.24 -3.74
CA ILE A 14 9.81 -0.78 -4.45
C ILE A 14 9.08 0.31 -5.21
N ILE A 15 9.03 1.49 -4.60
CA ILE A 15 8.35 2.64 -5.19
C ILE A 15 8.99 3.10 -6.51
N SER A 16 10.31 3.09 -6.54
CA SER A 16 11.09 3.54 -7.72
C SER A 16 11.35 2.46 -8.78
N GLN A 17 11.33 1.21 -8.38
CA GLN A 17 11.65 0.09 -9.28
C GLN A 17 10.47 -0.39 -10.11
N ASN A 18 9.39 0.38 -10.13
CA ASN A 18 8.19 0.01 -10.88
C ASN A 18 7.43 1.25 -11.35
N GLU A 19 6.69 1.09 -12.44
CA GLU A 19 5.92 2.20 -12.99
C GLU A 19 4.77 2.57 -12.06
N LEU A 20 4.11 1.56 -11.52
CA LEU A 20 3.01 1.81 -10.60
C LEU A 20 3.20 0.94 -9.37
N VAL A 21 3.10 1.54 -8.20
CA VAL A 21 3.29 0.79 -6.98
C VAL A 21 2.23 1.12 -5.95
N ILE A 22 1.51 0.11 -5.48
CA ILE A 22 0.51 0.33 -4.46
C ILE A 22 0.96 -0.37 -3.20
N VAL A 23 1.03 0.41 -2.14
CA VAL A 23 1.47 -0.07 -0.85
C VAL A 23 0.52 0.38 0.22
N ASP A 24 0.22 -0.51 1.14
CA ASP A 24 -0.68 -0.17 2.21
C ASP A 24 0.08 0.02 3.51
N PHE A 25 0.09 1.25 4.00
CA PHE A 25 0.73 1.55 5.26
C PHE A 25 -0.32 1.20 6.29
N PHE A 26 -0.04 0.18 7.09
CA PHE A 26 -1.02 -0.36 8.01
C PHE A 26 -0.36 -0.68 9.44
N ALA A 27 -1.06 -1.24 10.57
CA ALA A 27 -0.37 -1.55 11.81
C ALA A 27 -1.00 -2.85 12.40
N GLU A 28 -0.15 -3.68 12.98
CA GLU A 28 -0.47 -5.06 13.55
C GLU A 28 -1.67 -5.33 14.66
N TRP A 29 -2.53 -4.36 15.31
CA TRP A 29 -3.48 -4.73 16.43
C TRP A 29 -4.99 -4.46 15.94
N CYS A 30 -5.34 -4.15 14.58
CA CYS A 30 -6.73 -3.86 14.25
C CYS A 30 -7.37 -4.99 13.46
N GLY A 31 -8.69 -5.14 13.63
CA GLY A 31 -9.44 -6.15 12.91
C GLY A 31 -9.51 -5.87 11.42
N PRO A 32 -9.87 -4.62 11.02
CA PRO A 32 -9.95 -4.23 9.60
C PRO A 32 -8.63 -4.39 8.88
N CYS A 33 -7.57 -3.94 9.53
CA CYS A 33 -6.24 -4.02 8.93
C CYS A 33 -5.98 -5.44 8.40
N LYS A 34 -6.16 -6.43 9.24
CA LYS A 34 -6.00 -7.83 8.84
C LYS A 34 -7.09 -8.26 7.86
N ARG A 35 -8.29 -7.70 8.07
CA ARG A 35 -9.48 -8.01 7.28
C ARG A 35 -9.41 -7.48 5.85
N ILE A 36 -8.64 -6.42 5.65
CA ILE A 36 -8.51 -5.81 4.34
C ILE A 36 -7.48 -6.55 3.49
N ALA A 37 -6.66 -7.39 4.14
CA ALA A 37 -5.64 -8.15 3.43
C ALA A 37 -6.24 -9.16 2.45
N PRO A 38 -7.21 -9.99 2.91
CA PRO A 38 -7.85 -11.00 2.07
C PRO A 38 -8.39 -10.44 0.76
N PHE A 39 -9.08 -9.31 0.82
CA PHE A 39 -9.61 -8.70 -0.40
C PHE A 39 -8.46 -8.14 -1.21
N TYR A 40 -7.48 -7.61 -0.51
CA TYR A 40 -6.29 -7.06 -1.14
C TYR A 40 -5.58 -8.15 -1.92
N GLU A 41 -5.64 -9.37 -1.39
CA GLU A 41 -5.01 -10.52 -2.04
C GLU A 41 -5.71 -10.82 -3.37
N GLU A 42 -7.02 -10.61 -3.42
CA GLU A 42 -7.78 -10.84 -4.63
C GLU A 42 -7.40 -9.79 -5.68
N CYS A 43 -7.28 -8.56 -5.19
CA CYS A 43 -6.89 -7.43 -6.02
C CYS A 43 -5.49 -7.66 -6.59
N SER A 44 -4.63 -8.29 -5.81
CA SER A 44 -3.25 -8.56 -6.21
C SER A 44 -3.11 -9.57 -7.35
N LYS A 45 -4.10 -10.45 -7.55
CA LYS A 45 -4.00 -11.48 -8.59
C LYS A 45 -4.55 -11.03 -9.96
N THR A 46 -5.44 -10.05 -9.97
CA THR A 46 -6.01 -9.55 -11.22
C THR A 46 -5.31 -8.25 -11.64
N TYR A 47 -4.83 -7.55 -10.63
CA TYR A 47 -4.15 -6.28 -10.77
C TYR A 47 -2.64 -6.46 -10.97
N THR A 48 -2.21 -7.67 -11.33
CA THR A 48 -0.77 -7.97 -11.43
C THR A 48 0.02 -7.00 -12.32
N LYS A 49 -0.65 -5.99 -12.88
CA LYS A 49 0.07 -4.98 -13.66
C LYS A 49 0.55 -3.88 -12.69
N MET A 50 0.30 -4.10 -11.40
CA MET A 50 0.66 -3.19 -10.31
C MET A 50 1.40 -3.98 -9.24
N VAL A 51 2.30 -3.32 -8.55
CA VAL A 51 3.09 -3.96 -7.52
C VAL A 51 2.42 -3.79 -6.15
N PHE A 52 2.23 -4.90 -5.44
CA PHE A 52 1.56 -4.86 -4.14
C PHE A 52 2.52 -5.14 -2.98
N ILE A 53 2.67 -4.15 -2.11
CA ILE A 53 3.53 -4.30 -0.93
C ILE A 53 2.85 -3.74 0.32
N LYS A 54 3.40 -4.12 1.46
CA LYS A 54 2.88 -3.71 2.76
C LYS A 54 3.99 -3.08 3.58
N VAL A 55 3.71 -1.97 4.26
CA VAL A 55 4.72 -1.31 5.08
C VAL A 55 4.14 -0.85 6.40
N ASP A 56 4.65 -1.41 7.47
CA ASP A 56 4.22 -1.08 8.83
C ASP A 56 4.85 0.23 9.29
N VAL A 57 4.15 0.95 10.15
CA VAL A 57 4.63 2.22 10.67
C VAL A 57 5.56 2.02 11.86
N ASP A 58 5.34 0.93 12.58
CA ASP A 58 6.15 0.61 13.75
C ASP A 58 7.53 0.09 13.37
N GLU A 59 7.57 -0.66 12.27
CA GLU A 59 8.82 -1.23 11.78
C GLU A 59 9.73 -0.15 11.20
N VAL A 60 9.13 0.74 10.42
CA VAL A 60 9.89 1.81 9.79
C VAL A 60 9.16 3.15 9.93
N SER A 61 9.24 3.74 11.12
CA SER A 61 8.59 5.02 11.39
C SER A 61 9.04 6.07 10.38
N GLU A 62 10.30 5.98 9.97
CA GLU A 62 10.85 6.93 9.01
C GLU A 62 10.04 6.94 7.73
N VAL A 63 9.49 5.78 7.40
CA VAL A 63 8.66 5.63 6.21
C VAL A 63 7.41 6.49 6.34
N THR A 64 6.82 6.45 7.53
CA THR A 64 5.63 7.23 7.82
C THR A 64 5.88 8.72 7.60
N GLU A 65 7.03 9.20 8.07
CA GLU A 65 7.39 10.60 7.93
C GLU A 65 7.72 10.95 6.48
N LYS A 66 8.36 10.02 5.78
CA LYS A 66 8.74 10.24 4.39
C LYS A 66 7.56 10.58 3.50
N GLU A 67 6.44 9.89 3.73
CA GLU A 67 5.24 10.12 2.93
C GLU A 67 4.28 11.10 3.61
N ASN A 68 4.76 11.80 4.63
CA ASN A 68 3.93 12.76 5.34
C ASN A 68 2.62 12.11 5.78
N ILE A 69 2.74 10.88 6.27
CA ILE A 69 1.59 10.11 6.72
C ILE A 69 0.98 10.73 7.99
N THR A 70 -0.33 11.01 7.93
CA THR A 70 -1.01 11.61 9.06
C THR A 70 -2.00 10.66 9.74
N SER A 71 -2.71 9.84 8.96
CA SER A 71 -3.69 8.92 9.52
C SER A 71 -3.65 7.53 8.87
N MET A 72 -3.87 6.50 9.70
CA MET A 72 -3.89 5.10 9.25
C MET A 72 -5.27 4.48 9.47
N PRO A 73 -5.61 3.42 8.71
CA PRO A 73 -4.76 2.85 7.65
C PRO A 73 -4.73 3.73 6.39
N THR A 74 -3.56 3.82 5.75
CA THR A 74 -3.43 4.61 4.53
C THR A 74 -2.95 3.78 3.35
N PHE A 75 -3.69 3.84 2.24
CA PHE A 75 -3.34 3.12 1.02
C PHE A 75 -2.92 4.12 -0.05
N LYS A 76 -1.67 4.06 -0.47
CA LYS A 76 -1.17 4.99 -1.47
C LYS A 76 -0.68 4.27 -2.72
N VAL A 77 -0.93 4.88 -3.85
CA VAL A 77 -0.49 4.37 -5.12
C VAL A 77 0.60 5.27 -5.65
N TYR A 78 1.71 4.69 -6.07
CA TYR A 78 2.83 5.48 -6.56
C TYR A 78 3.15 5.19 -8.01
N LYS A 79 3.22 6.27 -8.80
CA LYS A 79 3.53 6.16 -10.22
C LYS A 79 4.84 6.87 -10.53
N ASN A 80 5.71 6.18 -11.24
CA ASN A 80 7.02 6.71 -11.60
C ASN A 80 7.80 7.09 -10.36
N GLY A 81 7.63 6.30 -9.29
CA GLY A 81 8.35 6.55 -8.06
C GLY A 81 7.84 7.75 -7.29
N SER A 82 6.54 8.00 -7.34
CA SER A 82 5.98 9.13 -6.61
C SER A 82 4.50 8.93 -6.32
N SER A 83 3.91 9.87 -5.60
CA SER A 83 2.50 9.76 -5.23
C SER A 83 1.58 9.93 -6.44
N VAL A 84 0.43 9.26 -6.39
CA VAL A 84 -0.53 9.32 -7.48
C VAL A 84 -1.98 9.25 -6.96
N ASP A 85 -2.23 8.41 -5.95
CA ASP A 85 -3.57 8.27 -5.38
C ASP A 85 -3.48 7.97 -3.89
N THR A 86 -4.50 8.39 -3.14
CA THR A 86 -4.52 8.15 -1.71
C THR A 86 -5.89 7.70 -1.23
N LEU A 87 -5.90 6.67 -0.38
CA LEU A 87 -7.15 6.13 0.15
C LEU A 87 -7.11 6.06 1.68
N LEU A 88 -8.08 6.69 2.32
CA LEU A 88 -8.16 6.70 3.79
C LEU A 88 -9.01 5.55 4.30
N GLY A 89 -8.56 4.91 5.37
CA GLY A 89 -9.29 3.78 5.91
C GLY A 89 -9.26 2.61 4.95
N ALA A 90 -9.08 1.40 5.46
CA ALA A 90 -9.03 0.23 4.58
C ALA A 90 -10.42 -0.33 4.32
N ASN A 91 -10.88 -0.13 3.10
CA ASN A 91 -12.17 -0.65 2.67
C ASN A 91 -11.94 -1.53 1.44
N ASP A 92 -12.56 -2.71 1.41
CA ASP A 92 -12.38 -3.60 0.27
C ASP A 92 -12.97 -2.96 -0.99
N SER A 93 -14.15 -2.37 -0.83
CA SER A 93 -14.86 -1.70 -1.93
C SER A 93 -14.20 -0.39 -2.35
N ALA A 94 -13.69 0.37 -1.38
CA ALA A 94 -13.07 1.66 -1.66
C ALA A 94 -11.77 1.45 -2.38
N LEU A 95 -11.00 0.50 -1.90
CA LEU A 95 -9.75 0.18 -2.50
C LEU A 95 -10.01 -0.44 -3.87
N LYS A 96 -11.11 -1.18 -3.97
CA LYS A 96 -11.45 -1.83 -5.23
C LYS A 96 -11.48 -0.76 -6.30
N GLN A 97 -12.08 0.37 -5.96
CA GLN A 97 -12.18 1.50 -6.88
C GLN A 97 -10.82 2.20 -7.06
N LEU A 98 -10.07 2.37 -5.97
CA LEU A 98 -8.78 3.04 -6.04
C LEU A 98 -7.75 2.23 -6.84
N ILE A 99 -7.63 0.95 -6.49
CA ILE A 99 -6.70 0.04 -7.13
C ILE A 99 -7.12 -0.25 -8.57
N GLU A 100 -8.42 -0.28 -8.80
CA GLU A 100 -8.98 -0.53 -10.12
C GLU A 100 -8.63 0.60 -11.10
N LYS A 101 -8.52 1.81 -10.59
CA LYS A 101 -8.28 2.97 -11.44
C LYS A 101 -6.97 2.92 -12.20
N TYR A 102 -5.91 2.56 -11.51
CA TYR A 102 -4.60 2.48 -12.13
C TYR A 102 -4.26 1.05 -12.48
N ALA A 103 -4.77 0.14 -11.68
CA ALA A 103 -4.51 -1.27 -11.89
C ALA A 103 -5.63 -1.92 -12.70
N ALA A 104 -6.87 -1.52 -12.42
CA ALA A 104 -8.04 -2.07 -13.12
C ALA A 104 -8.06 -3.59 -13.17
N SER A 1 -0.31 -12.29 -3.45
CA SER A 1 0.65 -12.33 -2.32
C SER A 1 1.20 -10.94 -2.01
N VAL A 2 0.72 -10.34 -0.93
CA VAL A 2 1.19 -9.01 -0.53
C VAL A 2 2.63 -9.13 -0.03
N LYS A 3 3.46 -8.15 -0.37
CA LYS A 3 4.87 -8.19 0.02
C LYS A 3 5.13 -7.34 1.26
N ILE A 4 5.97 -7.86 2.13
CA ILE A 4 6.33 -7.16 3.35
C ILE A 4 7.83 -6.91 3.39
N VAL A 5 8.23 -5.65 3.27
CA VAL A 5 9.65 -5.33 3.29
C VAL A 5 10.11 -5.00 4.71
N THR A 6 11.34 -5.40 5.04
CA THR A 6 11.88 -5.17 6.36
C THR A 6 12.88 -4.01 6.41
N SER A 7 12.96 -3.24 5.33
CA SER A 7 13.89 -2.12 5.28
C SER A 7 13.21 -0.85 4.77
N GLN A 8 13.73 0.30 5.19
CA GLN A 8 13.17 1.59 4.78
C GLN A 8 13.49 1.87 3.31
N SER A 9 14.76 1.72 2.95
CA SER A 9 15.20 1.94 1.57
C SER A 9 14.51 0.94 0.66
N GLU A 10 14.29 -0.27 1.17
CA GLU A 10 13.62 -1.31 0.41
C GLU A 10 12.22 -0.85 0.01
N PHE A 11 11.54 -0.19 0.95
CA PHE A 11 10.20 0.32 0.69
C PHE A 11 10.26 1.37 -0.39
N ASP A 12 11.16 2.32 -0.20
CA ASP A 12 11.34 3.41 -1.15
C ASP A 12 11.90 2.89 -2.47
N SER A 13 12.67 1.81 -2.38
CA SER A 13 13.27 1.20 -3.56
C SER A 13 12.22 0.66 -4.49
N ILE A 14 11.24 -0.02 -3.92
CA ILE A 14 10.17 -0.58 -4.72
C ILE A 14 9.40 0.51 -5.43
N ILE A 15 9.23 1.61 -4.72
CA ILE A 15 8.48 2.75 -5.24
C ILE A 15 9.07 3.28 -6.56
N SER A 16 10.39 3.39 -6.62
CA SER A 16 11.09 3.93 -7.80
C SER A 16 11.43 2.89 -8.87
N GLN A 17 11.54 1.61 -8.50
CA GLN A 17 11.96 0.57 -9.45
C GLN A 17 10.80 0.00 -10.28
N ASN A 18 9.66 0.65 -10.26
CA ASN A 18 8.51 0.18 -11.04
C ASN A 18 7.61 1.35 -11.43
N GLU A 19 6.79 1.14 -12.47
CA GLU A 19 5.88 2.19 -12.97
C GLU A 19 4.79 2.51 -11.98
N LEU A 20 4.09 1.49 -11.48
CA LEU A 20 3.05 1.72 -10.51
C LEU A 20 3.28 0.85 -9.32
N VAL A 21 3.18 1.44 -8.15
CA VAL A 21 3.41 0.72 -6.92
C VAL A 21 2.31 0.96 -5.92
N ILE A 22 1.66 -0.10 -5.50
CA ILE A 22 0.60 0.04 -4.51
C ILE A 22 1.09 -0.56 -3.22
N VAL A 23 1.05 0.24 -2.19
CA VAL A 23 1.51 -0.18 -0.88
C VAL A 23 0.52 0.21 0.18
N ASP A 24 0.36 -0.66 1.15
CA ASP A 24 -0.58 -0.40 2.22
C ASP A 24 0.14 -0.12 3.54
N PHE A 25 0.10 1.14 3.96
CA PHE A 25 0.67 1.53 5.23
C PHE A 25 -0.40 1.21 6.24
N PHE A 26 -0.12 0.24 7.10
CA PHE A 26 -1.14 -0.23 8.03
C PHE A 26 -0.52 -0.45 9.50
N ALA A 27 -1.26 -0.93 10.62
CA ALA A 27 -0.61 -1.14 11.90
C ALA A 27 -1.27 -2.41 12.55
N GLU A 28 -0.42 -3.27 13.11
CA GLU A 28 -0.79 -4.64 13.70
C GLU A 28 -1.95 -4.83 14.88
N TRP A 29 -2.73 -3.81 15.53
CA TRP A 29 -3.65 -4.09 16.72
C TRP A 29 -5.16 -3.79 16.26
N CYS A 30 -5.53 -3.40 14.92
CA CYS A 30 -6.92 -3.10 14.62
C CYS A 30 -7.63 -4.20 13.85
N GLY A 31 -8.96 -4.20 13.94
CA GLY A 31 -9.76 -5.18 13.22
C GLY A 31 -9.73 -4.96 11.71
N PRO A 32 -9.98 -3.72 11.23
CA PRO A 32 -9.99 -3.38 9.80
C PRO A 32 -8.70 -3.70 9.08
N CYS A 33 -7.56 -3.30 9.66
CA CYS A 33 -6.28 -3.54 9.01
C CYS A 33 -6.18 -5.00 8.55
N LYS A 34 -6.42 -5.94 9.46
CA LYS A 34 -6.39 -7.36 9.12
C LYS A 34 -7.54 -7.75 8.19
N ARG A 35 -8.68 -7.10 8.38
CA ARG A 35 -9.91 -7.36 7.62
C ARG A 35 -9.81 -6.90 6.17
N ILE A 36 -8.99 -5.89 5.92
CA ILE A 36 -8.83 -5.35 4.58
C ILE A 36 -7.83 -6.18 3.76
N ALA A 37 -7.06 -7.03 4.44
CA ALA A 37 -6.07 -7.87 3.78
C ALA A 37 -6.72 -8.90 2.84
N PRO A 38 -7.76 -9.62 3.30
CA PRO A 38 -8.44 -10.64 2.49
C PRO A 38 -8.89 -10.10 1.14
N PHE A 39 -9.49 -8.92 1.13
CA PHE A 39 -9.92 -8.32 -0.13
C PHE A 39 -8.69 -7.86 -0.90
N TYR A 40 -7.72 -7.37 -0.14
CA TYR A 40 -6.47 -6.91 -0.71
C TYR A 40 -5.79 -8.06 -1.44
N GLU A 41 -5.96 -9.27 -0.90
CA GLU A 41 -5.38 -10.47 -1.50
C GLU A 41 -6.00 -10.73 -2.87
N GLU A 42 -7.31 -10.60 -2.96
CA GLU A 42 -8.00 -10.81 -4.23
C GLU A 42 -7.49 -9.82 -5.26
N CYS A 43 -7.31 -8.58 -4.82
CA CYS A 43 -6.82 -7.49 -5.65
C CYS A 43 -5.39 -7.77 -6.15
N SER A 44 -4.59 -8.41 -5.32
CA SER A 44 -3.20 -8.70 -5.66
C SER A 44 -3.02 -9.77 -6.75
N LYS A 45 -4.02 -10.64 -6.93
CA LYS A 45 -3.89 -11.72 -7.93
C LYS A 45 -4.48 -11.40 -9.31
N THR A 46 -5.39 -10.44 -9.39
CA THR A 46 -6.00 -10.06 -10.66
C THR A 46 -5.35 -8.81 -11.23
N TYR A 47 -5.02 -7.92 -10.31
CA TYR A 47 -4.39 -6.64 -10.59
C TYR A 47 -2.87 -6.76 -10.72
N THR A 48 -2.36 -7.98 -10.90
CA THR A 48 -0.92 -8.25 -10.90
C THR A 48 -0.10 -7.40 -11.88
N LYS A 49 -0.73 -6.47 -12.61
CA LYS A 49 0.02 -5.58 -13.49
C LYS A 49 0.61 -4.41 -12.68
N MET A 50 0.37 -4.46 -11.36
CA MET A 50 0.82 -3.46 -10.38
C MET A 50 1.53 -4.18 -9.25
N VAL A 51 2.53 -3.55 -8.64
CA VAL A 51 3.26 -4.21 -7.55
C VAL A 51 2.66 -3.85 -6.20
N PHE A 52 2.34 -4.89 -5.45
CA PHE A 52 1.75 -4.73 -4.13
C PHE A 52 2.74 -5.04 -3.02
N ILE A 53 2.88 -4.11 -2.09
CA ILE A 53 3.77 -4.25 -0.95
C ILE A 53 3.14 -3.64 0.29
N LYS A 54 3.44 -4.19 1.47
CA LYS A 54 2.91 -3.66 2.71
C LYS A 54 4.06 -3.25 3.63
N VAL A 55 3.94 -2.05 4.19
CA VAL A 55 4.97 -1.51 5.06
C VAL A 55 4.33 -0.96 6.34
N ASP A 56 4.71 -1.55 7.45
CA ASP A 56 4.18 -1.15 8.75
C ASP A 56 4.87 0.09 9.29
N VAL A 57 4.21 0.79 10.19
CA VAL A 57 4.73 2.01 10.76
C VAL A 57 5.66 1.73 11.94
N ASP A 58 5.53 0.54 12.52
CA ASP A 58 6.34 0.15 13.67
C ASP A 58 7.77 -0.18 13.31
N GLU A 59 7.95 -0.95 12.24
CA GLU A 59 9.29 -1.35 11.82
C GLU A 59 10.08 -0.20 11.23
N VAL A 60 9.43 0.64 10.44
CA VAL A 60 10.10 1.77 9.81
C VAL A 60 9.32 3.07 9.97
N SER A 61 9.48 3.71 11.12
CA SER A 61 8.81 4.98 11.38
C SER A 61 9.25 6.02 10.37
N GLU A 62 10.50 5.91 9.94
CA GLU A 62 11.06 6.84 8.96
C GLU A 62 10.22 6.86 7.69
N VAL A 63 9.55 5.74 7.41
CA VAL A 63 8.70 5.63 6.24
C VAL A 63 7.48 6.53 6.39
N THR A 64 6.90 6.52 7.58
CA THR A 64 5.73 7.33 7.86
C THR A 64 6.03 8.81 7.63
N GLU A 65 7.18 9.25 8.12
CA GLU A 65 7.60 10.64 7.98
C GLU A 65 7.97 10.96 6.52
N LYS A 66 8.61 10.01 5.86
CA LYS A 66 9.02 10.20 4.46
C LYS A 66 7.84 10.52 3.57
N GLU A 67 6.73 9.84 3.82
CA GLU A 67 5.52 10.05 3.03
C GLU A 67 4.62 11.10 3.68
N ASN A 68 5.06 11.67 4.80
CA ASN A 68 4.29 12.69 5.49
C ASN A 68 2.87 12.21 5.75
N ILE A 69 2.74 10.97 6.21
CA ILE A 69 1.44 10.38 6.51
C ILE A 69 0.85 10.95 7.80
N THR A 70 -0.43 11.31 7.77
CA THR A 70 -1.08 11.88 8.94
C THR A 70 -2.11 10.93 9.57
N SER A 71 -2.72 10.06 8.77
CA SER A 71 -3.74 9.15 9.31
C SER A 71 -3.73 7.76 8.65
N MET A 72 -3.92 6.73 9.50
CA MET A 72 -3.98 5.33 9.06
C MET A 72 -5.34 4.73 9.39
N PRO A 73 -5.74 3.65 8.68
CA PRO A 73 -4.95 3.02 7.61
C PRO A 73 -4.94 3.87 6.33
N THR A 74 -3.82 3.83 5.62
CA THR A 74 -3.68 4.58 4.38
C THR A 74 -3.14 3.71 3.23
N PHE A 75 -3.79 3.82 2.06
CA PHE A 75 -3.39 3.09 0.86
C PHE A 75 -2.96 4.09 -0.21
N LYS A 76 -1.69 4.03 -0.58
CA LYS A 76 -1.16 4.96 -1.58
C LYS A 76 -0.63 4.25 -2.80
N VAL A 77 -1.00 4.75 -3.96
CA VAL A 77 -0.52 4.22 -5.21
C VAL A 77 0.54 5.14 -5.75
N TYR A 78 1.71 4.60 -6.04
CA TYR A 78 2.81 5.39 -6.52
C TYR A 78 3.09 5.12 -8.00
N LYS A 79 3.10 6.17 -8.80
CA LYS A 79 3.34 6.05 -10.23
C LYS A 79 4.61 6.80 -10.61
N ASN A 80 5.48 6.12 -11.32
CA ASN A 80 6.74 6.69 -11.74
C ASN A 80 7.57 7.13 -10.52
N GLY A 81 7.46 6.36 -9.45
CA GLY A 81 8.20 6.64 -8.24
C GLY A 81 7.68 7.82 -7.46
N SER A 82 6.35 8.01 -7.44
CA SER A 82 5.78 9.12 -6.69
C SER A 82 4.30 8.88 -6.42
N SER A 83 3.70 9.76 -5.62
CA SER A 83 2.30 9.62 -5.28
C SER A 83 1.41 9.87 -6.49
N VAL A 84 0.38 9.05 -6.64
CA VAL A 84 -0.54 9.19 -7.76
C VAL A 84 -1.99 9.29 -7.28
N ASP A 85 -2.35 8.42 -6.35
CA ASP A 85 -3.69 8.43 -5.78
C ASP A 85 -3.65 7.86 -4.36
N THR A 86 -4.40 8.45 -3.45
CA THR A 86 -4.40 8.00 -2.07
C THR A 86 -5.80 7.61 -1.58
N LEU A 87 -5.85 6.61 -0.71
CA LEU A 87 -7.11 6.13 -0.16
C LEU A 87 -7.04 6.11 1.37
N LEU A 88 -7.95 6.85 2.02
CA LEU A 88 -7.99 6.92 3.47
C LEU A 88 -8.93 5.86 4.02
N GLY A 89 -8.52 5.21 5.11
CA GLY A 89 -9.33 4.17 5.70
C GLY A 89 -9.34 2.95 4.80
N ALA A 90 -9.24 1.76 5.38
CA ALA A 90 -9.22 0.55 4.56
C ALA A 90 -10.63 0.04 4.28
N ASN A 91 -11.05 0.22 3.03
CA ASN A 91 -12.34 -0.25 2.58
C ASN A 91 -12.14 -1.19 1.39
N ASP A 92 -12.77 -2.35 1.40
CA ASP A 92 -12.60 -3.29 0.30
C ASP A 92 -13.18 -2.69 -0.99
N SER A 93 -14.34 -2.06 -0.85
CA SER A 93 -15.03 -1.41 -1.96
C SER A 93 -14.35 -0.14 -2.46
N ALA A 94 -13.81 0.64 -1.53
CA ALA A 94 -13.17 1.91 -1.88
C ALA A 94 -11.88 1.65 -2.60
N LEU A 95 -11.16 0.67 -2.10
CA LEU A 95 -9.91 0.30 -2.72
C LEU A 95 -10.21 -0.42 -4.02
N LYS A 96 -11.37 -1.08 -4.08
CA LYS A 96 -11.76 -1.80 -5.26
C LYS A 96 -11.72 -0.86 -6.45
N GLN A 97 -12.36 0.29 -6.30
CA GLN A 97 -12.38 1.29 -7.34
C GLN A 97 -11.03 2.00 -7.48
N LEU A 98 -10.31 2.20 -6.37
CA LEU A 98 -9.01 2.86 -6.42
C LEU A 98 -7.98 2.00 -7.14
N ILE A 99 -7.90 0.75 -6.72
CA ILE A 99 -6.99 -0.21 -7.29
C ILE A 99 -7.39 -0.58 -8.71
N GLU A 100 -8.69 -0.61 -8.95
CA GLU A 100 -9.22 -0.93 -10.27
C GLU A 100 -8.88 0.15 -11.31
N LYS A 101 -8.86 1.40 -10.87
CA LYS A 101 -8.61 2.52 -11.75
C LYS A 101 -7.21 2.56 -12.32
N TYR A 102 -6.22 2.32 -11.47
CA TYR A 102 -4.83 2.37 -11.90
C TYR A 102 -4.29 0.98 -12.17
N ALA A 103 -4.99 -0.01 -11.67
CA ALA A 103 -4.54 -1.39 -11.85
C ALA A 103 -5.52 -2.18 -12.70
N ALA A 104 -6.81 -1.89 -12.57
CA ALA A 104 -7.81 -2.61 -13.36
C ALA A 104 -8.28 -1.78 -14.54
#